data_7RII
# 
_entry.id   7RII 
# 
_audit_conform.dict_name       mmcif_pdbx.dic 
_audit_conform.dict_version    5.397 
_audit_conform.dict_location   http://mmcif.pdb.org/dictionaries/ascii/mmcif_pdbx.dic 
# 
loop_
_database_2.database_id 
_database_2.database_code 
_database_2.pdbx_database_accession 
_database_2.pdbx_DOI 
PDB   7RII         pdb_00007rii 10.2210/pdb7rii/pdb 
WWPDB D_1000258318 ?            ?                   
# 
loop_
_pdbx_audit_revision_history.ordinal 
_pdbx_audit_revision_history.data_content_type 
_pdbx_audit_revision_history.major_revision 
_pdbx_audit_revision_history.minor_revision 
_pdbx_audit_revision_history.revision_date 
1 'Structure model' 1 0 2021-09-29 
2 'Structure model' 1 1 2023-10-18 
3 'Structure model' 1 2 2024-10-23 
# 
_pdbx_audit_revision_details.ordinal             1 
_pdbx_audit_revision_details.revision_ordinal    1 
_pdbx_audit_revision_details.data_content_type   'Structure model' 
_pdbx_audit_revision_details.provider            repository 
_pdbx_audit_revision_details.type                'Initial release' 
_pdbx_audit_revision_details.description         ? 
_pdbx_audit_revision_details.details             ? 
# 
loop_
_pdbx_audit_revision_group.ordinal 
_pdbx_audit_revision_group.revision_ordinal 
_pdbx_audit_revision_group.data_content_type 
_pdbx_audit_revision_group.group 
1 2 'Structure model' 'Data collection'        
2 2 'Structure model' 'Refinement description' 
3 3 'Structure model' 'Structure summary'      
# 
loop_
_pdbx_audit_revision_category.ordinal 
_pdbx_audit_revision_category.revision_ordinal 
_pdbx_audit_revision_category.data_content_type 
_pdbx_audit_revision_category.category 
1 2 'Structure model' chem_comp_atom                
2 2 'Structure model' chem_comp_bond                
3 2 'Structure model' pdbx_initial_refinement_model 
4 3 'Structure model' pdbx_entry_details            
5 3 'Structure model' pdbx_modification_feature     
# 
_pdbx_audit_revision_item.ordinal             1 
_pdbx_audit_revision_item.revision_ordinal    3 
_pdbx_audit_revision_item.data_content_type   'Structure model' 
_pdbx_audit_revision_item.item                '_pdbx_entry_details.has_protein_modification' 
# 
_pdbx_database_status.status_code                     REL 
_pdbx_database_status.status_code_sf                  REL 
_pdbx_database_status.status_code_mr                  ? 
_pdbx_database_status.entry_id                        7RII 
_pdbx_database_status.recvd_initial_deposition_date   2021-07-20 
_pdbx_database_status.SG_entry                        N 
_pdbx_database_status.deposit_site                    RCSB 
_pdbx_database_status.process_site                    RCSB 
_pdbx_database_status.status_code_cs                  ? 
_pdbx_database_status.status_code_nmr_data            ? 
_pdbx_database_status.methods_development_category    ? 
_pdbx_database_status.pdb_format_compatible           Y 
# 
loop_
_audit_author.name 
_audit_author.pdbx_ordinal 
_audit_author.identifier_ORCID 
'Du, Q.'      1 0000-0002-1165-3766 
'Huang, Y.H.' 2 0000-0001-6937-2660 
'Craik, D.J.' 3 0000-0003-0007-6796 
'Wang, C.K.'  4 0000-0002-7973-7632 
# 
_citation.abstract                  ? 
_citation.abstract_id_CAS           ? 
_citation.book_id_ISBN              ? 
_citation.book_publisher            ? 
_citation.book_publisher_city       ? 
_citation.book_title                ? 
_citation.coordinate_linkage        ? 
_citation.country                   CH 
_citation.database_id_Medline       ? 
_citation.details                   ? 
_citation.id                        primary 
_citation.journal_abbrev            Molecules 
_citation.journal_id_ASTM           ? 
_citation.journal_id_CSD            ? 
_citation.journal_id_ISSN           1420-3049 
_citation.journal_full              ? 
_citation.journal_issue             ? 
_citation.journal_volume            '26(18)' 
_citation.language                  ? 
_citation.page_first                5554 
_citation.page_last                 ? 
_citation.title                     
'Enabling efficient folding and high-resolution crystallographic analysis of bracelet cyclotides' 
_citation.year                      2021 
_citation.database_id_CSD           ? 
_citation.pdbx_database_id_DOI      10.3390/molecules26185554 
_citation.pdbx_database_id_PubMed   ? 
_citation.pdbx_database_id_patent   ? 
_citation.unpublished_flag          ? 
# 
loop_
_citation_author.citation_id 
_citation_author.name 
_citation_author.ordinal 
_citation_author.identifier_ORCID 
primary 'Craik, D.J.' 1 0000-0003-0007-6796 
primary 'Huang, Y.H.' 2 0000-0001-6937-2660 
primary 'Wang, C.K.'  3 0000-0002-7973-7632 
primary 'Du, Q.'      4 0000-0002-1165-3766 
primary 'King, G.'    5 0000-0001-5592-5789 
# 
loop_
_entity.id 
_entity.type 
_entity.src_method 
_entity.pdbx_description 
_entity.formula_weight 
_entity.pdbx_number_of_molecules 
_entity.pdbx_ec 
_entity.pdbx_mutation 
_entity.pdbx_fragment 
_entity.details 
1 polymer     syn 'Cyclotide hyen-D' 3182.778 1  ? I11L ? ? 
2 non-polymer syn 'PHOSPHATE ION'    94.971   1  ? ?    ? ? 
3 water       nat water              18.015   32 ? ?    ? ? 
# 
_entity_poly.entity_id                      1 
_entity_poly.type                           'polypeptide(L)' 
_entity_poly.nstd_linkage                   no 
_entity_poly.nstd_monomer                   no 
_entity_poly.pdbx_seq_one_letter_code       GFPCGESCVYLPCFTAAIGCSCKSKVCYKN 
_entity_poly.pdbx_seq_one_letter_code_can   GFPCGESCVYLPCFTAAIGCSCKSKVCYKN 
_entity_poly.pdbx_strand_id                 A 
_entity_poly.pdbx_target_identifier         ? 
# 
loop_
_pdbx_entity_nonpoly.entity_id 
_pdbx_entity_nonpoly.name 
_pdbx_entity_nonpoly.comp_id 
2 'PHOSPHATE ION' PO4 
3 water           HOH 
# 
loop_
_entity_poly_seq.entity_id 
_entity_poly_seq.num 
_entity_poly_seq.mon_id 
_entity_poly_seq.hetero 
1 1  GLY n 
1 2  PHE n 
1 3  PRO n 
1 4  CYS n 
1 5  GLY n 
1 6  GLU n 
1 7  SER n 
1 8  CYS n 
1 9  VAL n 
1 10 TYR n 
1 11 LEU n 
1 12 PRO n 
1 13 CYS n 
1 14 PHE n 
1 15 THR n 
1 16 ALA n 
1 17 ALA n 
1 18 ILE n 
1 19 GLY n 
1 20 CYS n 
1 21 SER n 
1 22 CYS n 
1 23 LYS n 
1 24 SER n 
1 25 LYS n 
1 26 VAL n 
1 27 CYS n 
1 28 TYR n 
1 29 LYS n 
1 30 ASN n 
# 
_pdbx_entity_src_syn.entity_id              1 
_pdbx_entity_src_syn.pdbx_src_id            1 
_pdbx_entity_src_syn.pdbx_alt_source_flag   sample 
_pdbx_entity_src_syn.pdbx_beg_seq_num       1 
_pdbx_entity_src_syn.pdbx_end_seq_num       30 
_pdbx_entity_src_syn.organism_scientific    'Hybanthus enneaspermus' 
_pdbx_entity_src_syn.organism_common_name   'Spade flower, Viola enneasperma' 
_pdbx_entity_src_syn.ncbi_taxonomy_id       212266 
_pdbx_entity_src_syn.details                ? 
# 
loop_
_chem_comp.id 
_chem_comp.type 
_chem_comp.mon_nstd_flag 
_chem_comp.name 
_chem_comp.pdbx_synonyms 
_chem_comp.formula 
_chem_comp.formula_weight 
ALA 'L-peptide linking' y ALANINE         ? 'C3 H7 N O2'     89.093  
ASN 'L-peptide linking' y ASPARAGINE      ? 'C4 H8 N2 O3'    132.118 
CYS 'L-peptide linking' y CYSTEINE        ? 'C3 H7 N O2 S'   121.158 
GLU 'L-peptide linking' y 'GLUTAMIC ACID' ? 'C5 H9 N O4'     147.129 
GLY 'peptide linking'   y GLYCINE         ? 'C2 H5 N O2'     75.067  
HOH non-polymer         . WATER           ? 'H2 O'           18.015  
ILE 'L-peptide linking' y ISOLEUCINE      ? 'C6 H13 N O2'    131.173 
LEU 'L-peptide linking' y LEUCINE         ? 'C6 H13 N O2'    131.173 
LYS 'L-peptide linking' y LYSINE          ? 'C6 H15 N2 O2 1' 147.195 
PHE 'L-peptide linking' y PHENYLALANINE   ? 'C9 H11 N O2'    165.189 
PO4 non-polymer         . 'PHOSPHATE ION' ? 'O4 P -3'        94.971  
PRO 'L-peptide linking' y PROLINE         ? 'C5 H9 N O2'     115.130 
SER 'L-peptide linking' y SERINE          ? 'C3 H7 N O3'     105.093 
THR 'L-peptide linking' y THREONINE       ? 'C4 H9 N O3'     119.119 
TYR 'L-peptide linking' y TYROSINE        ? 'C9 H11 N O3'    181.189 
VAL 'L-peptide linking' y VALINE          ? 'C5 H11 N O2'    117.146 
# 
loop_
_pdbx_poly_seq_scheme.asym_id 
_pdbx_poly_seq_scheme.entity_id 
_pdbx_poly_seq_scheme.seq_id 
_pdbx_poly_seq_scheme.mon_id 
_pdbx_poly_seq_scheme.ndb_seq_num 
_pdbx_poly_seq_scheme.pdb_seq_num 
_pdbx_poly_seq_scheme.auth_seq_num 
_pdbx_poly_seq_scheme.pdb_mon_id 
_pdbx_poly_seq_scheme.auth_mon_id 
_pdbx_poly_seq_scheme.pdb_strand_id 
_pdbx_poly_seq_scheme.pdb_ins_code 
_pdbx_poly_seq_scheme.hetero 
A 1 1  GLY 1  1  1  GLY GLY A . n 
A 1 2  PHE 2  2  2  PHE PHE A . n 
A 1 3  PRO 3  3  3  PRO PRO A . n 
A 1 4  CYS 4  4  4  CYS CYS A . n 
A 1 5  GLY 5  5  5  GLY GLY A . n 
A 1 6  GLU 6  6  6  GLU GLU A . n 
A 1 7  SER 7  7  7  SER SER A . n 
A 1 8  CYS 8  8  8  CYS CYS A . n 
A 1 9  VAL 9  9  9  VAL VAL A . n 
A 1 10 TYR 10 10 10 TYR TYR A . n 
A 1 11 LEU 11 11 11 LEU LEU A . n 
A 1 12 PRO 12 12 12 PRO PRO A . n 
A 1 13 CYS 13 13 13 CYS CYS A . n 
A 1 14 PHE 14 14 14 PHE PHE A . n 
A 1 15 THR 15 15 15 THR THR A . n 
A 1 16 ALA 16 16 16 ALA ALA A . n 
A 1 17 ALA 17 17 17 ALA ALA A . n 
A 1 18 ILE 18 18 18 ILE ILE A . n 
A 1 19 GLY 19 19 19 GLY GLY A . n 
A 1 20 CYS 20 20 20 CYS CYS A . n 
A 1 21 SER 21 21 21 SER SER A . n 
A 1 22 CYS 22 22 22 CYS CYS A . n 
A 1 23 LYS 23 23 23 LYS LYS A . n 
A 1 24 SER 24 24 24 SER SER A . n 
A 1 25 LYS 25 25 25 LYS LYS A . n 
A 1 26 VAL 26 26 26 VAL VAL A . n 
A 1 27 CYS 27 27 27 CYS CYS A . n 
A 1 28 TYR 28 28 28 TYR TYR A . n 
A 1 29 LYS 29 29 29 LYS LYS A . n 
A 1 30 ASN 30 30 30 ASN ASN A . n 
# 
loop_
_pdbx_nonpoly_scheme.asym_id 
_pdbx_nonpoly_scheme.entity_id 
_pdbx_nonpoly_scheme.mon_id 
_pdbx_nonpoly_scheme.ndb_seq_num 
_pdbx_nonpoly_scheme.pdb_seq_num 
_pdbx_nonpoly_scheme.auth_seq_num 
_pdbx_nonpoly_scheme.pdb_mon_id 
_pdbx_nonpoly_scheme.auth_mon_id 
_pdbx_nonpoly_scheme.pdb_strand_id 
_pdbx_nonpoly_scheme.pdb_ins_code 
B 2 PO4 1  101 101 PO4 PO4 A . 
C 3 HOH 1  201 12  HOH HOH A . 
C 3 HOH 2  202 11  HOH HOH A . 
C 3 HOH 3  203 1   HOH HOH A . 
C 3 HOH 4  204 10  HOH HOH A . 
C 3 HOH 5  205 5   HOH HOH A . 
C 3 HOH 6  206 6   HOH HOH A . 
C 3 HOH 7  207 8   HOH HOH A . 
C 3 HOH 8  208 4   HOH HOH A . 
C 3 HOH 9  209 16  HOH HOH A . 
C 3 HOH 10 210 9   HOH HOH A . 
C 3 HOH 11 211 23  HOH HOH A . 
C 3 HOH 12 212 15  HOH HOH A . 
C 3 HOH 13 213 20  HOH HOH A . 
C 3 HOH 14 214 13  HOH HOH A . 
C 3 HOH 15 215 26  HOH HOH A . 
C 3 HOH 16 216 2   HOH HOH A . 
C 3 HOH 17 217 19  HOH HOH A . 
C 3 HOH 18 218 29  HOH HOH A . 
C 3 HOH 19 219 14  HOH HOH A . 
C 3 HOH 20 220 24  HOH HOH A . 
C 3 HOH 21 221 27  HOH HOH A . 
C 3 HOH 22 222 18  HOH HOH A . 
C 3 HOH 23 223 21  HOH HOH A . 
C 3 HOH 24 224 28  HOH HOH A . 
C 3 HOH 25 225 3   HOH HOH A . 
C 3 HOH 26 226 17  HOH HOH A . 
C 3 HOH 27 227 30  HOH HOH A . 
C 3 HOH 28 228 34  HOH HOH A . 
C 3 HOH 29 229 7   HOH HOH A . 
C 3 HOH 30 230 33  HOH HOH A . 
C 3 HOH 31 231 31  HOH HOH A . 
C 3 HOH 32 232 36  HOH HOH A . 
# 
loop_
_software.citation_id 
_software.classification 
_software.compiler_name 
_software.compiler_version 
_software.contact_author 
_software.contact_author_email 
_software.date 
_software.description 
_software.dependencies 
_software.hardware 
_software.language 
_software.location 
_software.mods 
_software.name 
_software.os 
_software.os_version 
_software.type 
_software.version 
_software.pdbx_ordinal 
? refinement        ? ? ? ? ? ? ? ? ? ? ? PHENIX      ? ? ? 1.18.2_3874 1 
? 'data extraction' ? ? ? ? ? ? ? ? ? ? ? PDB_EXTRACT ? ? ? 3.27        2 
? 'data reduction'  ? ? ? ? ? ? ? ? ? ? ? XDS         ? ? ? .           3 
? 'data scaling'    ? ? ? ? ? ? ? ? ? ? ? Aimless     ? ? ? .           4 
? phasing           ? ? ? ? ? ? ? ? ? ? ? PHASER      ? ? ? .           5 
# 
_cell.angle_alpha                  87.250 
_cell.angle_alpha_esd              ? 
_cell.angle_beta                   82.940 
_cell.angle_beta_esd               ? 
_cell.angle_gamma                  89.130 
_cell.angle_gamma_esd              ? 
_cell.entry_id                     7RII 
_cell.details                      ? 
_cell.formula_units_Z              ? 
_cell.length_a                     18.755 
_cell.length_a_esd                 ? 
_cell.length_b                     21.153 
_cell.length_b_esd                 ? 
_cell.length_c                     26.296 
_cell.length_c_esd                 ? 
_cell.volume                       ? 
_cell.volume_esd                   ? 
_cell.Z_PDB                        2 
_cell.reciprocal_angle_alpha       ? 
_cell.reciprocal_angle_beta        ? 
_cell.reciprocal_angle_gamma       ? 
_cell.reciprocal_angle_alpha_esd   ? 
_cell.reciprocal_angle_beta_esd    ? 
_cell.reciprocal_angle_gamma_esd   ? 
_cell.reciprocal_length_a          ? 
_cell.reciprocal_length_b          ? 
_cell.reciprocal_length_c          ? 
_cell.reciprocal_length_a_esd      ? 
_cell.reciprocal_length_b_esd      ? 
_cell.reciprocal_length_c_esd      ? 
_cell.pdbx_unique_axis             ? 
# 
_symmetry.entry_id                         7RII 
_symmetry.cell_setting                     ? 
_symmetry.Int_Tables_number                2 
_symmetry.space_group_name_Hall            ? 
_symmetry.space_group_name_H-M             'P -1' 
_symmetry.pdbx_full_space_group_name_H-M   ? 
# 
_exptl.absorpt_coefficient_mu     ? 
_exptl.absorpt_correction_T_max   ? 
_exptl.absorpt_correction_T_min   ? 
_exptl.absorpt_correction_type    ? 
_exptl.absorpt_process_details    ? 
_exptl.entry_id                   7RII 
_exptl.crystals_number            1 
_exptl.details                    ? 
_exptl.method                     'X-RAY DIFFRACTION' 
_exptl.method_details             ? 
# 
_exptl_crystal.colour                      ? 
_exptl_crystal.density_diffrn              ? 
_exptl_crystal.density_Matthews            1.62 
_exptl_crystal.density_method              ? 
_exptl_crystal.density_percent_sol         24.28 
_exptl_crystal.description                 ? 
_exptl_crystal.F_000                       ? 
_exptl_crystal.id                          1 
_exptl_crystal.preparation                 ? 
_exptl_crystal.size_max                    ? 
_exptl_crystal.size_mid                    ? 
_exptl_crystal.size_min                    ? 
_exptl_crystal.size_rad                    ? 
_exptl_crystal.colour_lustre               ? 
_exptl_crystal.colour_modifier             ? 
_exptl_crystal.colour_primary              ? 
_exptl_crystal.density_meas                ? 
_exptl_crystal.density_meas_esd            ? 
_exptl_crystal.density_meas_gt             ? 
_exptl_crystal.density_meas_lt             ? 
_exptl_crystal.density_meas_temp           ? 
_exptl_crystal.density_meas_temp_esd       ? 
_exptl_crystal.density_meas_temp_gt        ? 
_exptl_crystal.density_meas_temp_lt        ? 
_exptl_crystal.pdbx_crystal_image_url      ? 
_exptl_crystal.pdbx_crystal_image_format   ? 
_exptl_crystal.pdbx_mosaicity              ? 
_exptl_crystal.pdbx_mosaicity_esd          ? 
# 
_exptl_crystal_grow.apparatus       ? 
_exptl_crystal_grow.atmosphere      ? 
_exptl_crystal_grow.crystal_id      1 
_exptl_crystal_grow.details         ? 
_exptl_crystal_grow.method          'VAPOR DIFFUSION, HANGING DROP' 
_exptl_crystal_grow.method_ref      ? 
_exptl_crystal_grow.pH              ? 
_exptl_crystal_grow.pressure        ? 
_exptl_crystal_grow.pressure_esd    ? 
_exptl_crystal_grow.seeding         ? 
_exptl_crystal_grow.seeding_ref     ? 
_exptl_crystal_grow.temp            293 
_exptl_crystal_grow.temp_details    ? 
_exptl_crystal_grow.temp_esd        ? 
_exptl_crystal_grow.time            ? 
_exptl_crystal_grow.pdbx_details    '20% PEG 3350' 
_exptl_crystal_grow.pdbx_pH_range   ? 
# 
_diffrn.ambient_environment              ? 
_diffrn.ambient_temp                     100 
_diffrn.ambient_temp_details             ? 
_diffrn.ambient_temp_esd                 ? 
_diffrn.crystal_id                       1 
_diffrn.crystal_support                  ? 
_diffrn.crystal_treatment                ? 
_diffrn.details                          ? 
_diffrn.id                               1 
_diffrn.ambient_pressure                 ? 
_diffrn.ambient_pressure_esd             ? 
_diffrn.ambient_pressure_gt              ? 
_diffrn.ambient_pressure_lt              ? 
_diffrn.ambient_temp_gt                  ? 
_diffrn.ambient_temp_lt                  ? 
_diffrn.pdbx_serial_crystal_experiment   N 
# 
_diffrn_detector.details                      ? 
_diffrn_detector.detector                     PIXEL 
_diffrn_detector.diffrn_id                    1 
_diffrn_detector.type                         'DECTRIS EIGER X 16M' 
_diffrn_detector.area_resol_mean              ? 
_diffrn_detector.dtime                        ? 
_diffrn_detector.pdbx_frames_total            ? 
_diffrn_detector.pdbx_collection_time_total   ? 
_diffrn_detector.pdbx_collection_date         2020-08-07 
_diffrn_detector.pdbx_frequency               ? 
# 
_diffrn_radiation.collimation                      ? 
_diffrn_radiation.diffrn_id                        1 
_diffrn_radiation.filter_edge                      ? 
_diffrn_radiation.inhomogeneity                    ? 
_diffrn_radiation.monochromator                    ? 
_diffrn_radiation.polarisn_norm                    ? 
_diffrn_radiation.polarisn_ratio                   ? 
_diffrn_radiation.probe                            ? 
_diffrn_radiation.type                             ? 
_diffrn_radiation.xray_symbol                      ? 
_diffrn_radiation.wavelength_id                    1 
_diffrn_radiation.pdbx_monochromatic_or_laue_m_l   M 
_diffrn_radiation.pdbx_wavelength_list             ? 
_diffrn_radiation.pdbx_wavelength                  ? 
_diffrn_radiation.pdbx_diffrn_protocol             'SINGLE WAVELENGTH' 
_diffrn_radiation.pdbx_analyzer                    ? 
_diffrn_radiation.pdbx_scattering_type             x-ray 
# 
_diffrn_radiation_wavelength.id           1 
_diffrn_radiation_wavelength.wavelength   0.95372 
_diffrn_radiation_wavelength.wt           1.0 
# 
_diffrn_source.current                     ? 
_diffrn_source.details                     ? 
_diffrn_source.diffrn_id                   1 
_diffrn_source.power                       ? 
_diffrn_source.size                        ? 
_diffrn_source.source                      SYNCHROTRON 
_diffrn_source.target                      ? 
_diffrn_source.type                        'AUSTRALIAN SYNCHROTRON BEAMLINE MX2' 
_diffrn_source.voltage                     ? 
_diffrn_source.take-off_angle              ? 
_diffrn_source.pdbx_wavelength_list        0.95372 
_diffrn_source.pdbx_wavelength             ? 
_diffrn_source.pdbx_synchrotron_beamline   MX2 
_diffrn_source.pdbx_synchrotron_site       'Australian Synchrotron' 
# 
_reflns.B_iso_Wilson_estimate                          ? 
_reflns.entry_id                                       7RII 
_reflns.data_reduction_details                         ? 
_reflns.data_reduction_method                          ? 
_reflns.d_resolution_high                              1.22 
_reflns.d_resolution_low                               21.13 
_reflns.details                                        ? 
_reflns.limit_h_max                                    ? 
_reflns.limit_h_min                                    ? 
_reflns.limit_k_max                                    ? 
_reflns.limit_k_min                                    ? 
_reflns.limit_l_max                                    ? 
_reflns.limit_l_min                                    ? 
_reflns.number_all                                     ? 
_reflns.number_obs                                     11130 
_reflns.observed_criterion                             ? 
_reflns.observed_criterion_F_max                       ? 
_reflns.observed_criterion_F_min                       ? 
_reflns.observed_criterion_I_max                       ? 
_reflns.observed_criterion_I_min                       ? 
_reflns.observed_criterion_sigma_F                     ? 
_reflns.observed_criterion_sigma_I                     ? 
_reflns.percent_possible_obs                           93.26 
_reflns.R_free_details                                 ? 
_reflns.Rmerge_F_all                                   ? 
_reflns.Rmerge_F_obs                                   ? 
_reflns.Friedel_coverage                               ? 
_reflns.number_gt                                      ? 
_reflns.threshold_expression                           ? 
_reflns.pdbx_redundancy                                3.4 
_reflns.pdbx_Rmerge_I_obs                              0.1293 
_reflns.pdbx_Rmerge_I_all                              ? 
_reflns.pdbx_Rsym_value                                ? 
_reflns.pdbx_netI_over_av_sigmaI                       ? 
_reflns.pdbx_netI_over_sigmaI                          5.09 
_reflns.pdbx_res_netI_over_av_sigmaI_2                 ? 
_reflns.pdbx_res_netI_over_sigmaI_2                    ? 
_reflns.pdbx_chi_squared                               ? 
_reflns.pdbx_scaling_rejects                           ? 
_reflns.pdbx_d_res_high_opt                            ? 
_reflns.pdbx_d_res_low_opt                             ? 
_reflns.pdbx_d_res_opt_method                          ? 
_reflns.phase_calculation_details                      ? 
_reflns.pdbx_Rrim_I_all                                ? 
_reflns.pdbx_Rpim_I_all                                ? 
_reflns.pdbx_d_opt                                     ? 
_reflns.pdbx_number_measured_all                       ? 
_reflns.pdbx_diffrn_id                                 1 
_reflns.pdbx_ordinal                                   1 
_reflns.pdbx_CC_half                                   0.989 
_reflns.pdbx_CC_star                                   ? 
_reflns.pdbx_R_split                                   ? 
_reflns.pdbx_aniso_diffraction_limit_axis_1_ortho[1]   ? 
_reflns.pdbx_aniso_diffraction_limit_axis_1_ortho[2]   ? 
_reflns.pdbx_aniso_diffraction_limit_axis_1_ortho[3]   ? 
_reflns.pdbx_aniso_diffraction_limit_axis_2_ortho[1]   ? 
_reflns.pdbx_aniso_diffraction_limit_axis_2_ortho[2]   ? 
_reflns.pdbx_aniso_diffraction_limit_axis_2_ortho[3]   ? 
_reflns.pdbx_aniso_diffraction_limit_axis_3_ortho[1]   ? 
_reflns.pdbx_aniso_diffraction_limit_axis_3_ortho[2]   ? 
_reflns.pdbx_aniso_diffraction_limit_axis_3_ortho[3]   ? 
_reflns.pdbx_aniso_diffraction_limit_1                 ? 
_reflns.pdbx_aniso_diffraction_limit_2                 ? 
_reflns.pdbx_aniso_diffraction_limit_3                 ? 
_reflns.pdbx_aniso_B_tensor_eigenvector_1_ortho[1]     ? 
_reflns.pdbx_aniso_B_tensor_eigenvector_1_ortho[2]     ? 
_reflns.pdbx_aniso_B_tensor_eigenvector_1_ortho[3]     ? 
_reflns.pdbx_aniso_B_tensor_eigenvector_2_ortho[1]     ? 
_reflns.pdbx_aniso_B_tensor_eigenvector_2_ortho[2]     ? 
_reflns.pdbx_aniso_B_tensor_eigenvector_2_ortho[3]     ? 
_reflns.pdbx_aniso_B_tensor_eigenvector_3_ortho[1]     ? 
_reflns.pdbx_aniso_B_tensor_eigenvector_3_ortho[2]     ? 
_reflns.pdbx_aniso_B_tensor_eigenvector_3_ortho[3]     ? 
_reflns.pdbx_aniso_B_tensor_eigenvalue_1               ? 
_reflns.pdbx_aniso_B_tensor_eigenvalue_2               ? 
_reflns.pdbx_aniso_B_tensor_eigenvalue_3               ? 
_reflns.pdbx_orthogonalization_convention              ? 
_reflns.pdbx_percent_possible_ellipsoidal              ? 
_reflns.pdbx_percent_possible_spherical                ? 
_reflns.pdbx_percent_possible_ellipsoidal_anomalous    ? 
_reflns.pdbx_percent_possible_spherical_anomalous      ? 
_reflns.pdbx_redundancy_anomalous                      ? 
_reflns.pdbx_CC_half_anomalous                         ? 
_reflns.pdbx_absDiff_over_sigma_anomalous              ? 
_reflns.pdbx_percent_possible_anomalous                ? 
_reflns.pdbx_observed_signal_threshold                 ? 
_reflns.pdbx_signal_type                               ? 
_reflns.pdbx_signal_details                            ? 
_reflns.pdbx_signal_software_id                        ? 
# 
_reflns_shell.d_res_high                                    1.22 
_reflns_shell.d_res_low                                     1.264 
_reflns_shell.meanI_over_sigI_all                           ? 
_reflns_shell.meanI_over_sigI_obs                           ? 
_reflns_shell.number_measured_all                           ? 
_reflns_shell.number_measured_obs                           ? 
_reflns_shell.number_possible                               ? 
_reflns_shell.number_unique_all                             ? 
_reflns_shell.number_unique_obs                             1091 
_reflns_shell.percent_possible_all                          ? 
_reflns_shell.percent_possible_obs                          ? 
_reflns_shell.Rmerge_F_all                                  ? 
_reflns_shell.Rmerge_F_obs                                  ? 
_reflns_shell.Rmerge_I_all                                  ? 
_reflns_shell.Rmerge_I_obs                                  ? 
_reflns_shell.meanI_over_sigI_gt                            ? 
_reflns_shell.meanI_over_uI_all                             ? 
_reflns_shell.meanI_over_uI_gt                              ? 
_reflns_shell.number_measured_gt                            ? 
_reflns_shell.number_unique_gt                              ? 
_reflns_shell.percent_possible_gt                           ? 
_reflns_shell.Rmerge_F_gt                                   ? 
_reflns_shell.Rmerge_I_gt                                   ? 
_reflns_shell.pdbx_redundancy                               ? 
_reflns_shell.pdbx_Rsym_value                               ? 
_reflns_shell.pdbx_chi_squared                              ? 
_reflns_shell.pdbx_netI_over_sigmaI_all                     ? 
_reflns_shell.pdbx_netI_over_sigmaI_obs                     ? 
_reflns_shell.pdbx_Rrim_I_all                               ? 
_reflns_shell.pdbx_Rpim_I_all                               ? 
_reflns_shell.pdbx_rejects                                  ? 
_reflns_shell.pdbx_ordinal                                  1 
_reflns_shell.pdbx_diffrn_id                                1 
_reflns_shell.pdbx_CC_half                                  0.889 
_reflns_shell.pdbx_CC_star                                  ? 
_reflns_shell.pdbx_R_split                                  ? 
_reflns_shell.pdbx_percent_possible_ellipsoidal             ? 
_reflns_shell.pdbx_percent_possible_spherical               ? 
_reflns_shell.pdbx_percent_possible_ellipsoidal_anomalous   ? 
_reflns_shell.pdbx_percent_possible_spherical_anomalous     ? 
_reflns_shell.pdbx_redundancy_anomalous                     ? 
_reflns_shell.pdbx_CC_half_anomalous                        ? 
_reflns_shell.pdbx_absDiff_over_sigma_anomalous             ? 
_reflns_shell.pdbx_percent_possible_anomalous               ? 
# 
_refine.aniso_B[1][1]                            ? 
_refine.aniso_B[1][2]                            ? 
_refine.aniso_B[1][3]                            ? 
_refine.aniso_B[2][2]                            ? 
_refine.aniso_B[2][3]                            ? 
_refine.aniso_B[3][3]                            ? 
_refine.B_iso_max                                34.990 
_refine.B_iso_mean                               9.7245 
_refine.B_iso_min                                5.700 
_refine.correlation_coeff_Fo_to_Fc               ? 
_refine.correlation_coeff_Fo_to_Fc_free          ? 
_refine.details                                  ? 
_refine.diff_density_max                         ? 
_refine.diff_density_max_esd                     ? 
_refine.diff_density_min                         ? 
_refine.diff_density_min_esd                     ? 
_refine.diff_density_rms                         ? 
_refine.diff_density_rms_esd                     ? 
_refine.entry_id                                 7RII 
_refine.pdbx_refine_id                           'X-RAY DIFFRACTION' 
_refine.ls_abs_structure_details                 ? 
_refine.ls_abs_structure_Flack                   ? 
_refine.ls_abs_structure_Flack_esd               ? 
_refine.ls_abs_structure_Rogers                  ? 
_refine.ls_abs_structure_Rogers_esd              ? 
_refine.ls_d_res_high                            1.2200 
_refine.ls_d_res_low                             21.1300 
_refine.ls_extinction_coef                       ? 
_refine.ls_extinction_coef_esd                   ? 
_refine.ls_extinction_expression                 ? 
_refine.ls_extinction_method                     ? 
_refine.ls_goodness_of_fit_all                   ? 
_refine.ls_goodness_of_fit_all_esd               ? 
_refine.ls_goodness_of_fit_obs                   ? 
_refine.ls_goodness_of_fit_obs_esd               ? 
_refine.ls_hydrogen_treatment                    ? 
_refine.ls_matrix_type                           ? 
_refine.ls_number_constraints                    ? 
_refine.ls_number_parameters                     ? 
_refine.ls_number_reflns_all                     ? 
_refine.ls_number_reflns_obs                     11124 
_refine.ls_number_reflns_R_free                  1111 
_refine.ls_number_reflns_R_work                  10013 
_refine.ls_number_restraints                     ? 
_refine.ls_percent_reflns_obs                    93.2700 
_refine.ls_percent_reflns_R_free                 9.9900 
_refine.ls_R_factor_all                          ? 
_refine.ls_R_factor_obs                          0.2065 
_refine.ls_R_factor_R_free                       0.2233 
_refine.ls_R_factor_R_free_error                 ? 
_refine.ls_R_factor_R_free_error_details         ? 
_refine.ls_R_factor_R_work                       0.2047 
_refine.ls_R_Fsqd_factor_obs                     ? 
_refine.ls_R_I_factor_obs                        ? 
_refine.ls_redundancy_reflns_all                 ? 
_refine.ls_redundancy_reflns_obs                 ? 
_refine.ls_restrained_S_all                      ? 
_refine.ls_restrained_S_obs                      ? 
_refine.ls_shift_over_esd_max                    ? 
_refine.ls_shift_over_esd_mean                   ? 
_refine.ls_structure_factor_coef                 ? 
_refine.ls_weighting_details                     ? 
_refine.ls_weighting_scheme                      ? 
_refine.ls_wR_factor_all                         ? 
_refine.ls_wR_factor_obs                         ? 
_refine.ls_wR_factor_R_free                      ? 
_refine.ls_wR_factor_R_work                      ? 
_refine.occupancy_max                            ? 
_refine.occupancy_min                            ? 
_refine.solvent_model_details                    'FLAT BULK SOLVENT MODEL' 
_refine.solvent_model_param_bsol                 ? 
_refine.solvent_model_param_ksol                 ? 
_refine.pdbx_R_complete                          ? 
_refine.ls_R_factor_gt                           ? 
_refine.ls_goodness_of_fit_gt                    ? 
_refine.ls_goodness_of_fit_ref                   ? 
_refine.ls_shift_over_su_max                     ? 
_refine.ls_shift_over_su_max_lt                  ? 
_refine.ls_shift_over_su_mean                    ? 
_refine.ls_shift_over_su_mean_lt                 ? 
_refine.pdbx_ls_sigma_I                          ? 
_refine.pdbx_ls_sigma_F                          1.380 
_refine.pdbx_ls_sigma_Fsqd                       ? 
_refine.pdbx_data_cutoff_high_absF               ? 
_refine.pdbx_data_cutoff_high_rms_absF           ? 
_refine.pdbx_data_cutoff_low_absF                ? 
_refine.pdbx_isotropic_thermal_model             ? 
_refine.pdbx_ls_cross_valid_method               THROUGHOUT 
_refine.pdbx_method_to_determine_struct          'MOLECULAR REPLACEMENT' 
_refine.pdbx_starting_model                      2KNM 
_refine.pdbx_stereochemistry_target_values       ML 
_refine.pdbx_R_Free_selection_details            ? 
_refine.pdbx_stereochem_target_val_spec_case     ? 
_refine.pdbx_overall_ESU_R                       ? 
_refine.pdbx_overall_ESU_R_Free                  ? 
_refine.pdbx_solvent_vdw_probe_radii             1.1100 
_refine.pdbx_solvent_ion_probe_radii             ? 
_refine.pdbx_solvent_shrinkage_radii             0.9000 
_refine.pdbx_real_space_R                        ? 
_refine.pdbx_density_correlation                 ? 
_refine.pdbx_pd_number_of_powder_patterns        ? 
_refine.pdbx_pd_number_of_points                 ? 
_refine.pdbx_pd_meas_number_of_points            ? 
_refine.pdbx_pd_proc_ls_prof_R_factor            ? 
_refine.pdbx_pd_proc_ls_prof_wR_factor           ? 
_refine.pdbx_pd_Marquardt_correlation_coeff      ? 
_refine.pdbx_pd_Fsqrd_R_factor                   ? 
_refine.pdbx_pd_ls_matrix_band_width             ? 
_refine.pdbx_overall_phase_error                 16.2400 
_refine.pdbx_overall_SU_R_free_Cruickshank_DPI   ? 
_refine.pdbx_overall_SU_R_free_Blow_DPI          ? 
_refine.pdbx_overall_SU_R_Blow_DPI               ? 
_refine.pdbx_TLS_residual_ADP_flag               ? 
_refine.pdbx_diffrn_id                           1 
_refine.overall_SU_B                             ? 
_refine.overall_SU_ML                            0.1100 
_refine.overall_SU_R_Cruickshank_DPI             ? 
_refine.overall_SU_R_free                        ? 
_refine.overall_FOM_free_R_set                   ? 
_refine.overall_FOM_work_R_set                   ? 
_refine.pdbx_average_fsc_overall                 ? 
_refine.pdbx_average_fsc_work                    ? 
_refine.pdbx_average_fsc_free                    ? 
# 
_refine_hist.pdbx_refine_id                   'X-RAY DIFFRACTION' 
_refine_hist.cycle_id                         final 
_refine_hist.details                          ? 
_refine_hist.d_res_high                       1.2200 
_refine_hist.d_res_low                        21.1300 
_refine_hist.number_atoms_solvent             32 
_refine_hist.number_atoms_total               254 
_refine_hist.number_reflns_all                ? 
_refine_hist.number_reflns_obs                ? 
_refine_hist.number_reflns_R_free             ? 
_refine_hist.number_reflns_R_work             ? 
_refine_hist.R_factor_all                     ? 
_refine_hist.R_factor_obs                     ? 
_refine_hist.R_factor_R_free                  ? 
_refine_hist.R_factor_R_work                  ? 
_refine_hist.pdbx_number_residues_total       30 
_refine_hist.pdbx_B_iso_mean_ligand           11.63 
_refine_hist.pdbx_B_iso_mean_solvent          17.13 
_refine_hist.pdbx_number_atoms_protein        217 
_refine_hist.pdbx_number_atoms_nucleic_acid   0 
_refine_hist.pdbx_number_atoms_ligand         5 
_refine_hist.pdbx_number_atoms_lipid          ? 
_refine_hist.pdbx_number_atoms_carb           ? 
_refine_hist.pdbx_pseudo_atom_details         ? 
# 
loop_
_refine_ls_shell.pdbx_refine_id 
_refine_ls_shell.d_res_high 
_refine_ls_shell.d_res_low 
_refine_ls_shell.number_reflns_all 
_refine_ls_shell.number_reflns_obs 
_refine_ls_shell.number_reflns_R_free 
_refine_ls_shell.number_reflns_R_work 
_refine_ls_shell.percent_reflns_obs 
_refine_ls_shell.percent_reflns_R_free 
_refine_ls_shell.R_factor_all 
_refine_ls_shell.R_factor_obs 
_refine_ls_shell.R_factor_R_free 
_refine_ls_shell.R_factor_R_free_error 
_refine_ls_shell.R_factor_R_work 
_refine_ls_shell.redundancy_reflns_all 
_refine_ls_shell.redundancy_reflns_obs 
_refine_ls_shell.wR_factor_all 
_refine_ls_shell.wR_factor_obs 
_refine_ls_shell.wR_factor_R_free 
_refine_ls_shell.wR_factor_R_work 
_refine_ls_shell.pdbx_R_complete 
_refine_ls_shell.pdbx_total_number_of_bins_used 
_refine_ls_shell.pdbx_phase_error 
_refine_ls_shell.pdbx_fsc_work 
_refine_ls_shell.pdbx_fsc_free 
'X-RAY DIFFRACTION' 1.2200 1.2800  1348 . 132 1216 91.0000 . . . 0.3611 0.0000 0.3211 . . . . . . . 8 . . . 
'X-RAY DIFFRACTION' 1.2800 1.3400  1370 . 143 1227 91.0000 . . . 0.3989 0.0000 0.3012 . . . . . . . 8 . . . 
'X-RAY DIFFRACTION' 1.3400 1.4300  1375 . 134 1241 93.0000 . . . 0.2876 0.0000 0.2548 . . . . . . . 8 . . . 
'X-RAY DIFFRACTION' 1.4300 1.5400  1380 . 136 1244 93.0000 . . . 0.2528 0.0000 0.2179 . . . . . . . 8 . . . 
'X-RAY DIFFRACTION' 1.5400 1.6900  1398 . 145 1253 94.0000 . . . 0.2070 0.0000 0.1991 . . . . . . . 8 . . . 
'X-RAY DIFFRACTION' 1.6900 1.9400  1409 . 137 1272 94.0000 . . . 0.1692 0.0000 0.1762 . . . . . . . 8 . . . 
'X-RAY DIFFRACTION' 1.9400 2.4400  1420 . 143 1277 96.0000 . . . 0.1935 0.0000 0.1757 . . . . . . . 8 . . . 
'X-RAY DIFFRACTION' 2.4400 21.1300 1424 . 141 1283 95.0000 . . . 0.1973 0.0000 0.1846 . . . . . . . 8 . . . 
# 
_struct.entry_id                     7RII 
_struct.title                        '[I11L]hyen D crystal structure' 
_struct.pdbx_model_details           ? 
_struct.pdbx_formula_weight          ? 
_struct.pdbx_formula_weight_method   ? 
_struct.pdbx_model_type_details      ? 
_struct.pdbx_CASP_flag               N 
# 
_struct_keywords.entry_id        7RII 
_struct_keywords.text            'Cytotoxicity, cyclotides, quasi-racemic crystallography, PLANT PROTEIN' 
_struct_keywords.pdbx_keywords   'PLANT PROTEIN' 
# 
loop_
_struct_asym.id 
_struct_asym.pdbx_blank_PDB_chainid_flag 
_struct_asym.pdbx_modified 
_struct_asym.entity_id 
_struct_asym.details 
A N N 1 ? 
B N N 2 ? 
C N N 3 ? 
# 
_struct_ref.id                         1 
_struct_ref.db_name                    UNP 
_struct_ref.db_code                    CYHED_HYBEN 
_struct_ref.pdbx_db_accession          C0HLN8 
_struct_ref.pdbx_db_isoform            ? 
_struct_ref.entity_id                  1 
_struct_ref.pdbx_seq_one_letter_code   GFPCGESCVYIPCFTAAIGCSCKSKVCYKN 
_struct_ref.pdbx_align_begin           1 
# 
_struct_ref_seq.align_id                      1 
_struct_ref_seq.ref_id                        1 
_struct_ref_seq.pdbx_PDB_id_code              7RII 
_struct_ref_seq.pdbx_strand_id                A 
_struct_ref_seq.seq_align_beg                 1 
_struct_ref_seq.pdbx_seq_align_beg_ins_code   ? 
_struct_ref_seq.seq_align_end                 30 
_struct_ref_seq.pdbx_seq_align_end_ins_code   ? 
_struct_ref_seq.pdbx_db_accession             C0HLN8 
_struct_ref_seq.db_align_beg                  1 
_struct_ref_seq.pdbx_db_align_beg_ins_code    ? 
_struct_ref_seq.db_align_end                  30 
_struct_ref_seq.pdbx_db_align_end_ins_code    ? 
_struct_ref_seq.pdbx_auth_seq_align_beg       1 
_struct_ref_seq.pdbx_auth_seq_align_end       30 
# 
_struct_ref_seq_dif.align_id                     1 
_struct_ref_seq_dif.pdbx_pdb_id_code             7RII 
_struct_ref_seq_dif.mon_id                       LEU 
_struct_ref_seq_dif.pdbx_pdb_strand_id           A 
_struct_ref_seq_dif.seq_num                      11 
_struct_ref_seq_dif.pdbx_pdb_ins_code            ? 
_struct_ref_seq_dif.pdbx_seq_db_name             UNP 
_struct_ref_seq_dif.pdbx_seq_db_accession_code   C0HLN8 
_struct_ref_seq_dif.db_mon_id                    ILE 
_struct_ref_seq_dif.pdbx_seq_db_seq_num          11 
_struct_ref_seq_dif.details                      'engineered mutation' 
_struct_ref_seq_dif.pdbx_auth_seq_num            11 
_struct_ref_seq_dif.pdbx_ordinal                 1 
# 
_pdbx_struct_assembly.id                   1 
_pdbx_struct_assembly.details              author_and_software_defined_assembly 
_pdbx_struct_assembly.method_details       PISA 
_pdbx_struct_assembly.oligomeric_details   monomeric 
_pdbx_struct_assembly.oligomeric_count     1 
# 
_pdbx_struct_assembly_gen.assembly_id       1 
_pdbx_struct_assembly_gen.oper_expression   1 
_pdbx_struct_assembly_gen.asym_id_list      A,B,C 
# 
_pdbx_struct_assembly_auth_evidence.id                     1 
_pdbx_struct_assembly_auth_evidence.assembly_id            1 
_pdbx_struct_assembly_auth_evidence.experimental_support   'mass spectrometry' 
_pdbx_struct_assembly_auth_evidence.details                ? 
# 
_pdbx_struct_oper_list.id                   1 
_pdbx_struct_oper_list.type                 'identity operation' 
_pdbx_struct_oper_list.name                 1_555 
_pdbx_struct_oper_list.symmetry_operation   x,y,z 
_pdbx_struct_oper_list.matrix[1][1]         1.0000000000 
_pdbx_struct_oper_list.matrix[1][2]         0.0000000000 
_pdbx_struct_oper_list.matrix[1][3]         0.0000000000 
_pdbx_struct_oper_list.vector[1]            0.0000000000 
_pdbx_struct_oper_list.matrix[2][1]         0.0000000000 
_pdbx_struct_oper_list.matrix[2][2]         1.0000000000 
_pdbx_struct_oper_list.matrix[2][3]         0.0000000000 
_pdbx_struct_oper_list.vector[2]            0.0000000000 
_pdbx_struct_oper_list.matrix[3][1]         0.0000000000 
_pdbx_struct_oper_list.matrix[3][2]         0.0000000000 
_pdbx_struct_oper_list.matrix[3][3]         1.0000000000 
_pdbx_struct_oper_list.vector[3]            0.0000000000 
# 
_struct_conf.conf_type_id            HELX_P 
_struct_conf.id                      HELX_P1 
_struct_conf.pdbx_PDB_helix_id       AA1 
_struct_conf.beg_label_comp_id       CYS 
_struct_conf.beg_label_asym_id       A 
_struct_conf.beg_label_seq_id        13 
_struct_conf.pdbx_beg_PDB_ins_code   ? 
_struct_conf.end_label_comp_id       GLY 
_struct_conf.end_label_asym_id       A 
_struct_conf.end_label_seq_id        19 
_struct_conf.pdbx_end_PDB_ins_code   ? 
_struct_conf.beg_auth_comp_id        CYS 
_struct_conf.beg_auth_asym_id        A 
_struct_conf.beg_auth_seq_id         13 
_struct_conf.end_auth_comp_id        GLY 
_struct_conf.end_auth_asym_id        A 
_struct_conf.end_auth_seq_id         19 
_struct_conf.pdbx_PDB_helix_class    5 
_struct_conf.details                 ? 
_struct_conf.pdbx_PDB_helix_length   7 
# 
_struct_conf_type.id          HELX_P 
_struct_conf_type.criteria    ? 
_struct_conf_type.reference   ? 
# 
loop_
_struct_conn.id 
_struct_conn.conn_type_id 
_struct_conn.pdbx_leaving_atom_flag 
_struct_conn.pdbx_PDB_id 
_struct_conn.ptnr1_label_asym_id 
_struct_conn.ptnr1_label_comp_id 
_struct_conn.ptnr1_label_seq_id 
_struct_conn.ptnr1_label_atom_id 
_struct_conn.pdbx_ptnr1_label_alt_id 
_struct_conn.pdbx_ptnr1_PDB_ins_code 
_struct_conn.pdbx_ptnr1_standard_comp_id 
_struct_conn.ptnr1_symmetry 
_struct_conn.ptnr2_label_asym_id 
_struct_conn.ptnr2_label_comp_id 
_struct_conn.ptnr2_label_seq_id 
_struct_conn.ptnr2_label_atom_id 
_struct_conn.pdbx_ptnr2_label_alt_id 
_struct_conn.pdbx_ptnr2_PDB_ins_code 
_struct_conn.ptnr1_auth_asym_id 
_struct_conn.ptnr1_auth_comp_id 
_struct_conn.ptnr1_auth_seq_id 
_struct_conn.ptnr2_auth_asym_id 
_struct_conn.ptnr2_auth_comp_id 
_struct_conn.ptnr2_auth_seq_id 
_struct_conn.ptnr2_symmetry 
_struct_conn.pdbx_ptnr3_label_atom_id 
_struct_conn.pdbx_ptnr3_label_seq_id 
_struct_conn.pdbx_ptnr3_label_comp_id 
_struct_conn.pdbx_ptnr3_label_asym_id 
_struct_conn.pdbx_ptnr3_label_alt_id 
_struct_conn.pdbx_ptnr3_PDB_ins_code 
_struct_conn.details 
_struct_conn.pdbx_dist_value 
_struct_conn.pdbx_value_order 
_struct_conn.pdbx_role 
disulf1 disulf ?    ? A CYS 4  SG ? ? ? 1_555 A CYS 20 SG ? ? A CYS 4  A CYS 20 1_555 ? ? ? ? ? ? ? 2.019 ? ? 
disulf2 disulf ?    ? A CYS 8  SG ? ? ? 1_555 A CYS 22 SG ? ? A CYS 8  A CYS 22 1_555 ? ? ? ? ? ? ? 2.048 ? ? 
disulf3 disulf ?    ? A CYS 13 SG ? ? ? 1_555 A CYS 27 SG ? ? A CYS 13 A CYS 27 1_555 ? ? ? ? ? ? ? 2.045 ? ? 
covale1 covale both ? A GLY 1  N  ? ? ? 1_555 A ASN 30 C  ? ? A GLY 1  A ASN 30 1_555 ? ? ? ? ? ? ? 1.325 ? ? 
# 
loop_
_struct_conn_type.id 
_struct_conn_type.criteria 
_struct_conn_type.reference 
disulf ? ? 
covale ? ? 
# 
loop_
_pdbx_modification_feature.ordinal 
_pdbx_modification_feature.label_comp_id 
_pdbx_modification_feature.label_asym_id 
_pdbx_modification_feature.label_seq_id 
_pdbx_modification_feature.label_alt_id 
_pdbx_modification_feature.modified_residue_label_comp_id 
_pdbx_modification_feature.modified_residue_label_asym_id 
_pdbx_modification_feature.modified_residue_label_seq_id 
_pdbx_modification_feature.modified_residue_label_alt_id 
_pdbx_modification_feature.auth_comp_id 
_pdbx_modification_feature.auth_asym_id 
_pdbx_modification_feature.auth_seq_id 
_pdbx_modification_feature.PDB_ins_code 
_pdbx_modification_feature.symmetry 
_pdbx_modification_feature.modified_residue_auth_comp_id 
_pdbx_modification_feature.modified_residue_auth_asym_id 
_pdbx_modification_feature.modified_residue_auth_seq_id 
_pdbx_modification_feature.modified_residue_PDB_ins_code 
_pdbx_modification_feature.modified_residue_symmetry 
_pdbx_modification_feature.comp_id_linking_atom 
_pdbx_modification_feature.modified_residue_id_linking_atom 
_pdbx_modification_feature.modified_residue_id 
_pdbx_modification_feature.ref_pcm_id 
_pdbx_modification_feature.ref_comp_id 
_pdbx_modification_feature.type 
_pdbx_modification_feature.category 
1 CYS A 4  ? CYS A 20 ? CYS A 4  ? 1_555 CYS A 20 ? 1_555 SG SG . . . None 'Disulfide bridge'     
2 CYS A 8  ? CYS A 22 ? CYS A 8  ? 1_555 CYS A 22 ? 1_555 SG SG . . . None 'Disulfide bridge'     
3 CYS A 13 ? CYS A 27 ? CYS A 13 ? 1_555 CYS A 27 ? 1_555 SG SG . . . None 'Disulfide bridge'     
4 GLY A 1  ? ASN A 30 ? GLY A 1  ? 1_555 ASN A 30 ? 1_555 N  C  . . . None 'Non-standard linkage' 
# 
_struct_sheet.id               AA1 
_struct_sheet.type             ? 
_struct_sheet.number_strands   3 
_struct_sheet.details          ? 
# 
loop_
_struct_sheet_order.sheet_id 
_struct_sheet_order.range_id_1 
_struct_sheet_order.range_id_2 
_struct_sheet_order.offset 
_struct_sheet_order.sense 
AA1 1 2 ? anti-parallel 
AA1 2 3 ? anti-parallel 
# 
loop_
_struct_sheet_range.sheet_id 
_struct_sheet_range.id 
_struct_sheet_range.beg_label_comp_id 
_struct_sheet_range.beg_label_asym_id 
_struct_sheet_range.beg_label_seq_id 
_struct_sheet_range.pdbx_beg_PDB_ins_code 
_struct_sheet_range.end_label_comp_id 
_struct_sheet_range.end_label_asym_id 
_struct_sheet_range.end_label_seq_id 
_struct_sheet_range.pdbx_end_PDB_ins_code 
_struct_sheet_range.beg_auth_comp_id 
_struct_sheet_range.beg_auth_asym_id 
_struct_sheet_range.beg_auth_seq_id 
_struct_sheet_range.end_auth_comp_id 
_struct_sheet_range.end_auth_asym_id 
_struct_sheet_range.end_auth_seq_id 
AA1 1 PHE A 2  ? SER A 7  ? PHE A 2  SER A 7  
AA1 2 VAL A 26 ? LYS A 29 ? VAL A 26 LYS A 29 
AA1 3 SER A 21 ? LYS A 23 ? SER A 21 LYS A 23 
# 
loop_
_pdbx_struct_sheet_hbond.sheet_id 
_pdbx_struct_sheet_hbond.range_id_1 
_pdbx_struct_sheet_hbond.range_id_2 
_pdbx_struct_sheet_hbond.range_1_label_atom_id 
_pdbx_struct_sheet_hbond.range_1_label_comp_id 
_pdbx_struct_sheet_hbond.range_1_label_asym_id 
_pdbx_struct_sheet_hbond.range_1_label_seq_id 
_pdbx_struct_sheet_hbond.range_1_PDB_ins_code 
_pdbx_struct_sheet_hbond.range_1_auth_atom_id 
_pdbx_struct_sheet_hbond.range_1_auth_comp_id 
_pdbx_struct_sheet_hbond.range_1_auth_asym_id 
_pdbx_struct_sheet_hbond.range_1_auth_seq_id 
_pdbx_struct_sheet_hbond.range_2_label_atom_id 
_pdbx_struct_sheet_hbond.range_2_label_comp_id 
_pdbx_struct_sheet_hbond.range_2_label_asym_id 
_pdbx_struct_sheet_hbond.range_2_label_seq_id 
_pdbx_struct_sheet_hbond.range_2_PDB_ins_code 
_pdbx_struct_sheet_hbond.range_2_auth_atom_id 
_pdbx_struct_sheet_hbond.range_2_auth_comp_id 
_pdbx_struct_sheet_hbond.range_2_auth_asym_id 
_pdbx_struct_sheet_hbond.range_2_auth_seq_id 
AA1 1 2 N CYS A 4  ? N CYS A 4  O CYS A 27 ? O CYS A 27 
AA1 2 3 O VAL A 26 ? O VAL A 26 N LYS A 23 ? N LYS A 23 
# 
_pdbx_entry_details.entry_id                   7RII 
_pdbx_entry_details.nonpolymer_details         ? 
_pdbx_entry_details.sequence_details           ? 
_pdbx_entry_details.compound_details           ? 
_pdbx_entry_details.source_details             ? 
_pdbx_entry_details.has_ligand_of_interest     N 
_pdbx_entry_details.has_protein_modification   Y 
# 
loop_
_pdbx_validate_close_contact.id 
_pdbx_validate_close_contact.PDB_model_num 
_pdbx_validate_close_contact.auth_atom_id_1 
_pdbx_validate_close_contact.auth_asym_id_1 
_pdbx_validate_close_contact.auth_comp_id_1 
_pdbx_validate_close_contact.auth_seq_id_1 
_pdbx_validate_close_contact.PDB_ins_code_1 
_pdbx_validate_close_contact.label_alt_id_1 
_pdbx_validate_close_contact.auth_atom_id_2 
_pdbx_validate_close_contact.auth_asym_id_2 
_pdbx_validate_close_contact.auth_comp_id_2 
_pdbx_validate_close_contact.auth_seq_id_2 
_pdbx_validate_close_contact.PDB_ins_code_2 
_pdbx_validate_close_contact.label_alt_id_2 
_pdbx_validate_close_contact.dist 
1 1 H1 A GLY 1 ? ? C A ASN 30 ? ? 1.07 
2 1 H3 A GLY 1 ? ? C A ASN 30 ? ? 1.11 
# 
loop_
_pdbx_validate_torsion.id 
_pdbx_validate_torsion.PDB_model_num 
_pdbx_validate_torsion.auth_comp_id 
_pdbx_validate_torsion.auth_asym_id 
_pdbx_validate_torsion.auth_seq_id 
_pdbx_validate_torsion.PDB_ins_code 
_pdbx_validate_torsion.label_alt_id 
_pdbx_validate_torsion.phi 
_pdbx_validate_torsion.psi 
1 1 TYR A 10 ? ? -123.42 -63.92 
2 1 THR A 15 ? ? -66.95  1.37   
3 1 LYS A 25 ? ? 82.54   1.98   
# 
_pdbx_refine_tls.id               1 
_pdbx_refine_tls.pdbx_refine_id   'X-RAY DIFFRACTION' 
_pdbx_refine_tls.details          ? 
_pdbx_refine_tls.method           refined 
_pdbx_refine_tls.origin_x         0.1380 
_pdbx_refine_tls.origin_y         0.0490 
_pdbx_refine_tls.origin_z         0.1097 
_pdbx_refine_tls.T[1][1]          0.0732 
_pdbx_refine_tls.T[1][1]_esd      ? 
_pdbx_refine_tls.T[1][2]          -0.0045 
_pdbx_refine_tls.T[1][2]_esd      ? 
_pdbx_refine_tls.T[1][3]          0.0081 
_pdbx_refine_tls.T[1][3]_esd      ? 
_pdbx_refine_tls.T[2][2]          0.0727 
_pdbx_refine_tls.T[2][2]_esd      ? 
_pdbx_refine_tls.T[2][3]          -0.0152 
_pdbx_refine_tls.T[2][3]_esd      ? 
_pdbx_refine_tls.T[3][3]          0.0705 
_pdbx_refine_tls.T[3][3]_esd      ? 
_pdbx_refine_tls.L[1][1]          1.2328 
_pdbx_refine_tls.L[1][1]_esd      ? 
_pdbx_refine_tls.L[1][2]          -0.2083 
_pdbx_refine_tls.L[1][2]_esd      ? 
_pdbx_refine_tls.L[1][3]          0.8089 
_pdbx_refine_tls.L[1][3]_esd      ? 
_pdbx_refine_tls.L[2][2]          0.3234 
_pdbx_refine_tls.L[2][2]_esd      ? 
_pdbx_refine_tls.L[2][3]          -0.3957 
_pdbx_refine_tls.L[2][3]_esd      ? 
_pdbx_refine_tls.L[3][3]          1.9867 
_pdbx_refine_tls.L[3][3]_esd      ? 
_pdbx_refine_tls.S[1][1]          0.0160 
_pdbx_refine_tls.S[1][1]_esd      ? 
_pdbx_refine_tls.S[1][2]          -0.0277 
_pdbx_refine_tls.S[1][2]_esd      ? 
_pdbx_refine_tls.S[1][3]          -0.0284 
_pdbx_refine_tls.S[1][3]_esd      ? 
_pdbx_refine_tls.S[2][1]          0.0296 
_pdbx_refine_tls.S[2][1]_esd      ? 
_pdbx_refine_tls.S[2][2]          0.0015 
_pdbx_refine_tls.S[2][2]_esd      ? 
_pdbx_refine_tls.S[2][3]          0.0078 
_pdbx_refine_tls.S[2][3]_esd      ? 
_pdbx_refine_tls.S[3][1]          -0.0476 
_pdbx_refine_tls.S[3][1]_esd      ? 
_pdbx_refine_tls.S[3][2]          -0.0032 
_pdbx_refine_tls.S[3][2]_esd      ? 
_pdbx_refine_tls.S[3][3]          -0.0205 
_pdbx_refine_tls.S[3][3]_esd      ? 
# 
loop_
_pdbx_refine_tls_group.id 
_pdbx_refine_tls_group.pdbx_refine_id 
_pdbx_refine_tls_group.refine_tls_id 
_pdbx_refine_tls_group.beg_label_asym_id 
_pdbx_refine_tls_group.beg_label_seq_id 
_pdbx_refine_tls_group.beg_auth_asym_id 
_pdbx_refine_tls_group.beg_auth_seq_id 
_pdbx_refine_tls_group.beg_PDB_ins_code 
_pdbx_refine_tls_group.end_label_asym_id 
_pdbx_refine_tls_group.end_label_seq_id 
_pdbx_refine_tls_group.end_auth_asym_id 
_pdbx_refine_tls_group.end_auth_seq_id 
_pdbx_refine_tls_group.end_PDB_ins_code 
_pdbx_refine_tls_group.selection 
_pdbx_refine_tls_group.selection_details 
1 'X-RAY DIFFRACTION' 1 ? ? A 1   ? ? ? A 30  ? ? all 
2 'X-RAY DIFFRACTION' 1 ? ? A 101 ? ? ? A 101 ? ? all 
3 'X-RAY DIFFRACTION' 1 ? ? S 1   ? ? ? S 36  ? ? all 
# 
loop_
_chem_comp_atom.comp_id 
_chem_comp_atom.atom_id 
_chem_comp_atom.type_symbol 
_chem_comp_atom.pdbx_aromatic_flag 
_chem_comp_atom.pdbx_stereo_config 
_chem_comp_atom.pdbx_ordinal 
ALA N    N N N 1   
ALA CA   C N S 2   
ALA C    C N N 3   
ALA O    O N N 4   
ALA CB   C N N 5   
ALA OXT  O N N 6   
ALA H    H N N 7   
ALA H2   H N N 8   
ALA HA   H N N 9   
ALA HB1  H N N 10  
ALA HB2  H N N 11  
ALA HB3  H N N 12  
ALA HXT  H N N 13  
ASN N    N N N 14  
ASN CA   C N S 15  
ASN C    C N N 16  
ASN O    O N N 17  
ASN CB   C N N 18  
ASN CG   C N N 19  
ASN OD1  O N N 20  
ASN ND2  N N N 21  
ASN OXT  O N N 22  
ASN H    H N N 23  
ASN H2   H N N 24  
ASN HA   H N N 25  
ASN HB2  H N N 26  
ASN HB3  H N N 27  
ASN HD21 H N N 28  
ASN HD22 H N N 29  
ASN HXT  H N N 30  
CYS N    N N N 31  
CYS CA   C N R 32  
CYS C    C N N 33  
CYS O    O N N 34  
CYS CB   C N N 35  
CYS SG   S N N 36  
CYS OXT  O N N 37  
CYS H    H N N 38  
CYS H2   H N N 39  
CYS HA   H N N 40  
CYS HB2  H N N 41  
CYS HB3  H N N 42  
CYS HG   H N N 43  
CYS HXT  H N N 44  
GLU N    N N N 45  
GLU CA   C N S 46  
GLU C    C N N 47  
GLU O    O N N 48  
GLU CB   C N N 49  
GLU CG   C N N 50  
GLU CD   C N N 51  
GLU OE1  O N N 52  
GLU OE2  O N N 53  
GLU OXT  O N N 54  
GLU H    H N N 55  
GLU H2   H N N 56  
GLU HA   H N N 57  
GLU HB2  H N N 58  
GLU HB3  H N N 59  
GLU HG2  H N N 60  
GLU HG3  H N N 61  
GLU HE2  H N N 62  
GLU HXT  H N N 63  
GLY N    N N N 64  
GLY CA   C N N 65  
GLY C    C N N 66  
GLY O    O N N 67  
GLY OXT  O N N 68  
GLY H    H N N 69  
GLY H2   H N N 70  
GLY HA2  H N N 71  
GLY HA3  H N N 72  
GLY HXT  H N N 73  
HOH O    O N N 74  
HOH H1   H N N 75  
HOH H2   H N N 76  
ILE N    N N N 77  
ILE CA   C N S 78  
ILE C    C N N 79  
ILE O    O N N 80  
ILE CB   C N S 81  
ILE CG1  C N N 82  
ILE CG2  C N N 83  
ILE CD1  C N N 84  
ILE OXT  O N N 85  
ILE H    H N N 86  
ILE H2   H N N 87  
ILE HA   H N N 88  
ILE HB   H N N 89  
ILE HG12 H N N 90  
ILE HG13 H N N 91  
ILE HG21 H N N 92  
ILE HG22 H N N 93  
ILE HG23 H N N 94  
ILE HD11 H N N 95  
ILE HD12 H N N 96  
ILE HD13 H N N 97  
ILE HXT  H N N 98  
LEU N    N N N 99  
LEU CA   C N S 100 
LEU C    C N N 101 
LEU O    O N N 102 
LEU CB   C N N 103 
LEU CG   C N N 104 
LEU CD1  C N N 105 
LEU CD2  C N N 106 
LEU OXT  O N N 107 
LEU H    H N N 108 
LEU H2   H N N 109 
LEU HA   H N N 110 
LEU HB2  H N N 111 
LEU HB3  H N N 112 
LEU HG   H N N 113 
LEU HD11 H N N 114 
LEU HD12 H N N 115 
LEU HD13 H N N 116 
LEU HD21 H N N 117 
LEU HD22 H N N 118 
LEU HD23 H N N 119 
LEU HXT  H N N 120 
LYS N    N N N 121 
LYS CA   C N S 122 
LYS C    C N N 123 
LYS O    O N N 124 
LYS CB   C N N 125 
LYS CG   C N N 126 
LYS CD   C N N 127 
LYS CE   C N N 128 
LYS NZ   N N N 129 
LYS OXT  O N N 130 
LYS H    H N N 131 
LYS H2   H N N 132 
LYS HA   H N N 133 
LYS HB2  H N N 134 
LYS HB3  H N N 135 
LYS HG2  H N N 136 
LYS HG3  H N N 137 
LYS HD2  H N N 138 
LYS HD3  H N N 139 
LYS HE2  H N N 140 
LYS HE3  H N N 141 
LYS HZ1  H N N 142 
LYS HZ2  H N N 143 
LYS HZ3  H N N 144 
LYS HXT  H N N 145 
PHE N    N N N 146 
PHE CA   C N S 147 
PHE C    C N N 148 
PHE O    O N N 149 
PHE CB   C N N 150 
PHE CG   C Y N 151 
PHE CD1  C Y N 152 
PHE CD2  C Y N 153 
PHE CE1  C Y N 154 
PHE CE2  C Y N 155 
PHE CZ   C Y N 156 
PHE OXT  O N N 157 
PHE H    H N N 158 
PHE H2   H N N 159 
PHE HA   H N N 160 
PHE HB2  H N N 161 
PHE HB3  H N N 162 
PHE HD1  H N N 163 
PHE HD2  H N N 164 
PHE HE1  H N N 165 
PHE HE2  H N N 166 
PHE HZ   H N N 167 
PHE HXT  H N N 168 
PO4 P    P N N 169 
PO4 O1   O N N 170 
PO4 O2   O N N 171 
PO4 O3   O N N 172 
PO4 O4   O N N 173 
PRO N    N N N 174 
PRO CA   C N S 175 
PRO C    C N N 176 
PRO O    O N N 177 
PRO CB   C N N 178 
PRO CG   C N N 179 
PRO CD   C N N 180 
PRO OXT  O N N 181 
PRO H    H N N 182 
PRO HA   H N N 183 
PRO HB2  H N N 184 
PRO HB3  H N N 185 
PRO HG2  H N N 186 
PRO HG3  H N N 187 
PRO HD2  H N N 188 
PRO HD3  H N N 189 
PRO HXT  H N N 190 
SER N    N N N 191 
SER CA   C N S 192 
SER C    C N N 193 
SER O    O N N 194 
SER CB   C N N 195 
SER OG   O N N 196 
SER OXT  O N N 197 
SER H    H N N 198 
SER H2   H N N 199 
SER HA   H N N 200 
SER HB2  H N N 201 
SER HB3  H N N 202 
SER HG   H N N 203 
SER HXT  H N N 204 
THR N    N N N 205 
THR CA   C N S 206 
THR C    C N N 207 
THR O    O N N 208 
THR CB   C N R 209 
THR OG1  O N N 210 
THR CG2  C N N 211 
THR OXT  O N N 212 
THR H    H N N 213 
THR H2   H N N 214 
THR HA   H N N 215 
THR HB   H N N 216 
THR HG1  H N N 217 
THR HG21 H N N 218 
THR HG22 H N N 219 
THR HG23 H N N 220 
THR HXT  H N N 221 
TYR N    N N N 222 
TYR CA   C N S 223 
TYR C    C N N 224 
TYR O    O N N 225 
TYR CB   C N N 226 
TYR CG   C Y N 227 
TYR CD1  C Y N 228 
TYR CD2  C Y N 229 
TYR CE1  C Y N 230 
TYR CE2  C Y N 231 
TYR CZ   C Y N 232 
TYR OH   O N N 233 
TYR OXT  O N N 234 
TYR H    H N N 235 
TYR H2   H N N 236 
TYR HA   H N N 237 
TYR HB2  H N N 238 
TYR HB3  H N N 239 
TYR HD1  H N N 240 
TYR HD2  H N N 241 
TYR HE1  H N N 242 
TYR HE2  H N N 243 
TYR HH   H N N 244 
TYR HXT  H N N 245 
VAL N    N N N 246 
VAL CA   C N S 247 
VAL C    C N N 248 
VAL O    O N N 249 
VAL CB   C N N 250 
VAL CG1  C N N 251 
VAL CG2  C N N 252 
VAL OXT  O N N 253 
VAL H    H N N 254 
VAL H2   H N N 255 
VAL HA   H N N 256 
VAL HB   H N N 257 
VAL HG11 H N N 258 
VAL HG12 H N N 259 
VAL HG13 H N N 260 
VAL HG21 H N N 261 
VAL HG22 H N N 262 
VAL HG23 H N N 263 
VAL HXT  H N N 264 
# 
loop_
_chem_comp_bond.comp_id 
_chem_comp_bond.atom_id_1 
_chem_comp_bond.atom_id_2 
_chem_comp_bond.value_order 
_chem_comp_bond.pdbx_aromatic_flag 
_chem_comp_bond.pdbx_stereo_config 
_chem_comp_bond.pdbx_ordinal 
ALA N   CA   sing N N 1   
ALA N   H    sing N N 2   
ALA N   H2   sing N N 3   
ALA CA  C    sing N N 4   
ALA CA  CB   sing N N 5   
ALA CA  HA   sing N N 6   
ALA C   O    doub N N 7   
ALA C   OXT  sing N N 8   
ALA CB  HB1  sing N N 9   
ALA CB  HB2  sing N N 10  
ALA CB  HB3  sing N N 11  
ALA OXT HXT  sing N N 12  
ASN N   CA   sing N N 13  
ASN N   H    sing N N 14  
ASN N   H2   sing N N 15  
ASN CA  C    sing N N 16  
ASN CA  CB   sing N N 17  
ASN CA  HA   sing N N 18  
ASN C   O    doub N N 19  
ASN C   OXT  sing N N 20  
ASN CB  CG   sing N N 21  
ASN CB  HB2  sing N N 22  
ASN CB  HB3  sing N N 23  
ASN CG  OD1  doub N N 24  
ASN CG  ND2  sing N N 25  
ASN ND2 HD21 sing N N 26  
ASN ND2 HD22 sing N N 27  
ASN OXT HXT  sing N N 28  
CYS N   CA   sing N N 29  
CYS N   H    sing N N 30  
CYS N   H2   sing N N 31  
CYS CA  C    sing N N 32  
CYS CA  CB   sing N N 33  
CYS CA  HA   sing N N 34  
CYS C   O    doub N N 35  
CYS C   OXT  sing N N 36  
CYS CB  SG   sing N N 37  
CYS CB  HB2  sing N N 38  
CYS CB  HB3  sing N N 39  
CYS SG  HG   sing N N 40  
CYS OXT HXT  sing N N 41  
GLU N   CA   sing N N 42  
GLU N   H    sing N N 43  
GLU N   H2   sing N N 44  
GLU CA  C    sing N N 45  
GLU CA  CB   sing N N 46  
GLU CA  HA   sing N N 47  
GLU C   O    doub N N 48  
GLU C   OXT  sing N N 49  
GLU CB  CG   sing N N 50  
GLU CB  HB2  sing N N 51  
GLU CB  HB3  sing N N 52  
GLU CG  CD   sing N N 53  
GLU CG  HG2  sing N N 54  
GLU CG  HG3  sing N N 55  
GLU CD  OE1  doub N N 56  
GLU CD  OE2  sing N N 57  
GLU OE2 HE2  sing N N 58  
GLU OXT HXT  sing N N 59  
GLY N   CA   sing N N 60  
GLY N   H    sing N N 61  
GLY N   H2   sing N N 62  
GLY CA  C    sing N N 63  
GLY CA  HA2  sing N N 64  
GLY CA  HA3  sing N N 65  
GLY C   O    doub N N 66  
GLY C   OXT  sing N N 67  
GLY OXT HXT  sing N N 68  
HOH O   H1   sing N N 69  
HOH O   H2   sing N N 70  
ILE N   CA   sing N N 71  
ILE N   H    sing N N 72  
ILE N   H2   sing N N 73  
ILE CA  C    sing N N 74  
ILE CA  CB   sing N N 75  
ILE CA  HA   sing N N 76  
ILE C   O    doub N N 77  
ILE C   OXT  sing N N 78  
ILE CB  CG1  sing N N 79  
ILE CB  CG2  sing N N 80  
ILE CB  HB   sing N N 81  
ILE CG1 CD1  sing N N 82  
ILE CG1 HG12 sing N N 83  
ILE CG1 HG13 sing N N 84  
ILE CG2 HG21 sing N N 85  
ILE CG2 HG22 sing N N 86  
ILE CG2 HG23 sing N N 87  
ILE CD1 HD11 sing N N 88  
ILE CD1 HD12 sing N N 89  
ILE CD1 HD13 sing N N 90  
ILE OXT HXT  sing N N 91  
LEU N   CA   sing N N 92  
LEU N   H    sing N N 93  
LEU N   H2   sing N N 94  
LEU CA  C    sing N N 95  
LEU CA  CB   sing N N 96  
LEU CA  HA   sing N N 97  
LEU C   O    doub N N 98  
LEU C   OXT  sing N N 99  
LEU CB  CG   sing N N 100 
LEU CB  HB2  sing N N 101 
LEU CB  HB3  sing N N 102 
LEU CG  CD1  sing N N 103 
LEU CG  CD2  sing N N 104 
LEU CG  HG   sing N N 105 
LEU CD1 HD11 sing N N 106 
LEU CD1 HD12 sing N N 107 
LEU CD1 HD13 sing N N 108 
LEU CD2 HD21 sing N N 109 
LEU CD2 HD22 sing N N 110 
LEU CD2 HD23 sing N N 111 
LEU OXT HXT  sing N N 112 
LYS N   CA   sing N N 113 
LYS N   H    sing N N 114 
LYS N   H2   sing N N 115 
LYS CA  C    sing N N 116 
LYS CA  CB   sing N N 117 
LYS CA  HA   sing N N 118 
LYS C   O    doub N N 119 
LYS C   OXT  sing N N 120 
LYS CB  CG   sing N N 121 
LYS CB  HB2  sing N N 122 
LYS CB  HB3  sing N N 123 
LYS CG  CD   sing N N 124 
LYS CG  HG2  sing N N 125 
LYS CG  HG3  sing N N 126 
LYS CD  CE   sing N N 127 
LYS CD  HD2  sing N N 128 
LYS CD  HD3  sing N N 129 
LYS CE  NZ   sing N N 130 
LYS CE  HE2  sing N N 131 
LYS CE  HE3  sing N N 132 
LYS NZ  HZ1  sing N N 133 
LYS NZ  HZ2  sing N N 134 
LYS NZ  HZ3  sing N N 135 
LYS OXT HXT  sing N N 136 
PHE N   CA   sing N N 137 
PHE N   H    sing N N 138 
PHE N   H2   sing N N 139 
PHE CA  C    sing N N 140 
PHE CA  CB   sing N N 141 
PHE CA  HA   sing N N 142 
PHE C   O    doub N N 143 
PHE C   OXT  sing N N 144 
PHE CB  CG   sing N N 145 
PHE CB  HB2  sing N N 146 
PHE CB  HB3  sing N N 147 
PHE CG  CD1  doub Y N 148 
PHE CG  CD2  sing Y N 149 
PHE CD1 CE1  sing Y N 150 
PHE CD1 HD1  sing N N 151 
PHE CD2 CE2  doub Y N 152 
PHE CD2 HD2  sing N N 153 
PHE CE1 CZ   doub Y N 154 
PHE CE1 HE1  sing N N 155 
PHE CE2 CZ   sing Y N 156 
PHE CE2 HE2  sing N N 157 
PHE CZ  HZ   sing N N 158 
PHE OXT HXT  sing N N 159 
PO4 P   O1   doub N N 160 
PO4 P   O2   sing N N 161 
PO4 P   O3   sing N N 162 
PO4 P   O4   sing N N 163 
PRO N   CA   sing N N 164 
PRO N   CD   sing N N 165 
PRO N   H    sing N N 166 
PRO CA  C    sing N N 167 
PRO CA  CB   sing N N 168 
PRO CA  HA   sing N N 169 
PRO C   O    doub N N 170 
PRO C   OXT  sing N N 171 
PRO CB  CG   sing N N 172 
PRO CB  HB2  sing N N 173 
PRO CB  HB3  sing N N 174 
PRO CG  CD   sing N N 175 
PRO CG  HG2  sing N N 176 
PRO CG  HG3  sing N N 177 
PRO CD  HD2  sing N N 178 
PRO CD  HD3  sing N N 179 
PRO OXT HXT  sing N N 180 
SER N   CA   sing N N 181 
SER N   H    sing N N 182 
SER N   H2   sing N N 183 
SER CA  C    sing N N 184 
SER CA  CB   sing N N 185 
SER CA  HA   sing N N 186 
SER C   O    doub N N 187 
SER C   OXT  sing N N 188 
SER CB  OG   sing N N 189 
SER CB  HB2  sing N N 190 
SER CB  HB3  sing N N 191 
SER OG  HG   sing N N 192 
SER OXT HXT  sing N N 193 
THR N   CA   sing N N 194 
THR N   H    sing N N 195 
THR N   H2   sing N N 196 
THR CA  C    sing N N 197 
THR CA  CB   sing N N 198 
THR CA  HA   sing N N 199 
THR C   O    doub N N 200 
THR C   OXT  sing N N 201 
THR CB  OG1  sing N N 202 
THR CB  CG2  sing N N 203 
THR CB  HB   sing N N 204 
THR OG1 HG1  sing N N 205 
THR CG2 HG21 sing N N 206 
THR CG2 HG22 sing N N 207 
THR CG2 HG23 sing N N 208 
THR OXT HXT  sing N N 209 
TYR N   CA   sing N N 210 
TYR N   H    sing N N 211 
TYR N   H2   sing N N 212 
TYR CA  C    sing N N 213 
TYR CA  CB   sing N N 214 
TYR CA  HA   sing N N 215 
TYR C   O    doub N N 216 
TYR C   OXT  sing N N 217 
TYR CB  CG   sing N N 218 
TYR CB  HB2  sing N N 219 
TYR CB  HB3  sing N N 220 
TYR CG  CD1  doub Y N 221 
TYR CG  CD2  sing Y N 222 
TYR CD1 CE1  sing Y N 223 
TYR CD1 HD1  sing N N 224 
TYR CD2 CE2  doub Y N 225 
TYR CD2 HD2  sing N N 226 
TYR CE1 CZ   doub Y N 227 
TYR CE1 HE1  sing N N 228 
TYR CE2 CZ   sing Y N 229 
TYR CE2 HE2  sing N N 230 
TYR CZ  OH   sing N N 231 
TYR OH  HH   sing N N 232 
TYR OXT HXT  sing N N 233 
VAL N   CA   sing N N 234 
VAL N   H    sing N N 235 
VAL N   H2   sing N N 236 
VAL CA  C    sing N N 237 
VAL CA  CB   sing N N 238 
VAL CA  HA   sing N N 239 
VAL C   O    doub N N 240 
VAL C   OXT  sing N N 241 
VAL CB  CG1  sing N N 242 
VAL CB  CG2  sing N N 243 
VAL CB  HB   sing N N 244 
VAL CG1 HG11 sing N N 245 
VAL CG1 HG12 sing N N 246 
VAL CG1 HG13 sing N N 247 
VAL CG2 HG21 sing N N 248 
VAL CG2 HG22 sing N N 249 
VAL CG2 HG23 sing N N 250 
VAL OXT HXT  sing N N 251 
# 
_pdbx_audit_support.funding_organization   'Australian Research Council (ARC)' 
_pdbx_audit_support.country                Australia 
_pdbx_audit_support.grant_number           CE200100012 
_pdbx_audit_support.ordinal                1 
# 
_pdbx_initial_refinement_model.id               1 
_pdbx_initial_refinement_model.entity_id_list   ? 
_pdbx_initial_refinement_model.type             'experimental model' 
_pdbx_initial_refinement_model.source_name      PDB 
_pdbx_initial_refinement_model.accession_code   2KNM 
_pdbx_initial_refinement_model.details          ? 
# 
_atom_sites.entry_id                    7RII 
_atom_sites.Cartn_transf_matrix[1][1]   ? 
_atom_sites.Cartn_transf_matrix[1][2]   ? 
_atom_sites.Cartn_transf_matrix[1][3]   ? 
_atom_sites.Cartn_transf_matrix[2][1]   ? 
_atom_sites.Cartn_transf_matrix[2][2]   ? 
_atom_sites.Cartn_transf_matrix[2][3]   ? 
_atom_sites.Cartn_transf_matrix[3][1]   ? 
_atom_sites.Cartn_transf_matrix[3][2]   ? 
_atom_sites.Cartn_transf_matrix[3][3]   ? 
_atom_sites.Cartn_transf_vector[1]      ? 
_atom_sites.Cartn_transf_vector[2]      ? 
_atom_sites.Cartn_transf_vector[3]      ? 
_atom_sites.fract_transf_matrix[1][1]   0.04079659 
_atom_sites.fract_transf_matrix[1][2]   0.02875357 
_atom_sites.fract_transf_matrix[1][3]   -0.01989067 
_atom_sites.fract_transf_matrix[2][1]   0.03042648 
_atom_sites.fract_transf_matrix[2][2]   -0.03101282 
_atom_sites.fract_transf_matrix[2][3]   0.01877970 
_atom_sites.fract_transf_matrix[3][1]   -0.00590100 
_atom_sites.fract_transf_matrix[3][2]   -0.02183070 
_atom_sites.fract_transf_matrix[3][3]   -0.03098653 
_atom_sites.fract_transf_vector[1]      0.340070 
_atom_sites.fract_transf_vector[2]      0.149479 
_atom_sites.fract_transf_vector[3]      0.228555 
_atom_sites.solution_primary            ? 
_atom_sites.solution_secondary          ? 
_atom_sites.solution_hydrogens          ? 
_atom_sites.special_details             ? 
# 
loop_
_atom_type.symbol 
C 
H 
N 
O 
P 
S 
# 
loop_
_atom_site.group_PDB 
_atom_site.id 
_atom_site.type_symbol 
_atom_site.label_atom_id 
_atom_site.label_alt_id 
_atom_site.label_comp_id 
_atom_site.label_asym_id 
_atom_site.label_entity_id 
_atom_site.label_seq_id 
_atom_site.pdbx_PDB_ins_code 
_atom_site.Cartn_x 
_atom_site.Cartn_y 
_atom_site.Cartn_z 
_atom_site.occupancy 
_atom_site.B_iso_or_equiv 
_atom_site.pdbx_formal_charge 
_atom_site.auth_seq_id 
_atom_site.auth_comp_id 
_atom_site.auth_asym_id 
_atom_site.auth_atom_id 
_atom_site.pdbx_PDB_model_num 
ATOM   1   N N    . GLY A 1 1  ? 5.843   -2.658  7.644   1.00 6.75  ? 1   GLY A N    1 
ATOM   2   C CA   . GLY A 1 1  ? 7.246   -2.513  7.193   1.00 6.85  ? 1   GLY A CA   1 
ATOM   3   C C    . GLY A 1 1  ? 7.551   -3.208  5.884   1.00 6.82  ? 1   GLY A C    1 
ATOM   4   O O    . GLY A 1 1  ? 8.626   -3.008  5.327   1.00 6.98  ? 1   GLY A O    1 
ATOM   5   H H1   . GLY A 1 1  ? 5.809   -2.600  8.532   1.00 8.01  ? 1   GLY A H1   1 
ATOM   6   H H2   . GLY A 1 1  ? 5.348   -2.010  7.286   1.00 8.01  ? 1   GLY A H2   1 
ATOM   7   H H3   . GLY A 1 1  ? 5.529   -3.449  7.386   1.00 8.01  ? 1   GLY A H3   1 
ATOM   8   H HA2  . GLY A 1 1  ? 7.445   -1.570  7.084   1.00 8.14  ? 1   GLY A HA2  1 
ATOM   9   H HA3  . GLY A 1 1  ? 7.834   -2.883  7.872   1.00 8.14  ? 1   GLY A HA3  1 
ATOM   10  N N    . PHE A 1 2  ? 6.613   -4.002  5.369   1.00 6.71  ? 2   PHE A N    1 
ATOM   11  C CA   . PHE A 1 2  ? 6.830   -4.802  4.159   1.00 6.81  ? 2   PHE A CA   1 
ATOM   12  C C    . PHE A 1 2  ? 5.965   -4.306  3.016   1.00 6.55  ? 2   PHE A C    1 
ATOM   13  O O    . PHE A 1 2  ? 4.763   -4.085  3.199   1.00 6.36  ? 2   PHE A O    1 
ATOM   14  C CB   . PHE A 1 2  ? 6.533   -6.287  4.427   1.00 7.10  ? 2   PHE A CB   1 
ATOM   15  C CG   . PHE A 1 2  ? 7.406   -6.879  5.477   1.00 7.45  ? 2   PHE A CG   1 
ATOM   16  C CD1  . PHE A 1 2  ? 8.659   -7.357  5.162   1.00 8.99  ? 2   PHE A CD1  1 
ATOM   17  C CD2  . PHE A 1 2  ? 7.004   -6.892  6.796   1.00 8.86  ? 2   PHE A CD2  1 
ATOM   18  C CE1  . PHE A 1 2  ? 9.486   -7.883  6.131   1.00 8.77  ? 2   PHE A CE1  1 
ATOM   19  C CE2  . PHE A 1 2  ? 7.826   -7.418  7.782   1.00 10.18 ? 2   PHE A CE2  1 
ATOM   20  C CZ   . PHE A 1 2  ? 9.063   -7.918  7.442   1.00 9.47  ? 2   PHE A CZ   1 
ATOM   21  H H    . PHE A 1 2  ? 5.828   -4.096  5.707   1.00 7.97  ? 2   PHE A H    1 
ATOM   22  H HA   . PHE A 1 2  ? 7.760   -4.713  3.897   1.00 8.09  ? 2   PHE A HA   1 
ATOM   23  H HB2  . PHE A 1 2  ? 5.612   -6.376  4.718   1.00 8.44  ? 2   PHE A HB2  1 
ATOM   24  H HB3  . PHE A 1 2  ? 6.672   -6.787  3.606   1.00 8.44  ? 2   PHE A HB3  1 
ATOM   25  H HD1  . PHE A 1 2  ? 8.952   -7.324  4.280   1.00 10.80 ? 2   PHE A HD1  1 
ATOM   26  H HD2  . PHE A 1 2  ? 6.173   -6.543  7.027   1.00 10.65 ? 2   PHE A HD2  1 
ATOM   27  H HE1  . PHE A 1 2  ? 10.325  -8.213  5.902   1.00 10.54 ? 2   PHE A HE1  1 
ATOM   28  H HE2  . PHE A 1 2  ? 7.543   -7.434  8.667   1.00 12.23 ? 2   PHE A HE2  1 
ATOM   29  H HZ   . PHE A 1 2  ? 9.613   -8.281  8.098   1.00 11.39 ? 2   PHE A HZ   1 
ATOM   30  N N    . PRO A 1 3  ? 6.522   -4.116  1.826   1.00 6.61  ? 3   PRO A N    1 
ATOM   31  C CA   . PRO A 1 3  ? 5.686   -3.698  0.699   1.00 6.41  ? 3   PRO A CA   1 
ATOM   32  C C    . PRO A 1 3  ? 4.722   -4.792  0.294   1.00 7.36  ? 3   PRO A C    1 
ATOM   33  O O    . PRO A 1 3  ? 5.017   -5.980  0.412   1.00 8.27  ? 3   PRO A O    1 
ATOM   34  C CB   . PRO A 1 3  ? 6.703   -3.416  -0.412  1.00 7.61  ? 3   PRO A CB   1 
ATOM   35  C CG   . PRO A 1 3  ? 7.865   -4.240  -0.066  1.00 9.29  ? 3   PRO A CG   1 
ATOM   36  C CD   . PRO A 1 3  ? 7.923   -4.334  1.436   1.00 7.19  ? 3   PRO A CD   1 
ATOM   37  H HA   . PRO A 1 3  ? 5.196   -2.888  0.909   1.00 7.61  ? 3   PRO A HA   1 
ATOM   38  H HB2  . PRO A 1 3  ? 6.335   -3.676  -1.271  1.00 9.15  ? 3   PRO A HB2  1 
ATOM   39  H HB3  . PRO A 1 3  ? 6.933   -2.474  -0.420  1.00 9.15  ? 3   PRO A HB3  1 
ATOM   40  H HG2  . PRO A 1 3  ? 7.760   -5.122  -0.456  1.00 11.17 ? 3   PRO A HG2  1 
ATOM   41  H HG3  . PRO A 1 3  ? 8.669   -3.819  -0.409  1.00 11.17 ? 3   PRO A HG3  1 
ATOM   42  H HD2  . PRO A 1 3  ? 8.230   -5.209  1.719   1.00 8.64  ? 3   PRO A HD2  1 
ATOM   43  H HD3  . PRO A 1 3  ? 8.498   -3.645  1.807   1.00 8.64  ? 3   PRO A HD3  1 
ATOM   44  N N    . CYS A 1 4  ? 3.560   -4.378  -0.194  1.00 6.73  ? 4   CYS A N    1 
ATOM   45  C CA   . CYS A 1 4  ? 2.512   -5.297  -0.599  1.00 7.58  ? 4   CYS A CA   1 
ATOM   46  C C    . CYS A 1 4  ? 2.468   -5.536  -2.098  1.00 7.60  ? 4   CYS A C    1 
ATOM   47  O O    . CYS A 1 4  ? 1.554   -6.213  -2.579  1.00 10.05 ? 4   CYS A O    1 
ATOM   48  C CB   . CYS A 1 4  ? 1.169   -4.774  -0.109  1.00 9.22  ? 4   CYS A CB   1 
ATOM   49  S SG   . CYS A 1 4  ? 1.184   -4.616  1.671   1.00 8.94  ? 4   CYS A SG   1 
ATOM   50  H H    . CYS A 1 4  ? 3.353   -3.549  -0.301  1.00 8.09  ? 4   CYS A H    1 
ATOM   51  H HA   . CYS A 1 4  ? 2.677   -6.159  -0.186  1.00 9.11  ? 4   CYS A HA   1 
ATOM   52  H HB2  . CYS A 1 4  ? 0.997   -3.902  -0.497  1.00 11.08 ? 4   CYS A HB2  1 
ATOM   53  H HB3  . CYS A 1 4  ? 0.467   -5.394  -0.359  1.00 11.08 ? 4   CYS A HB3  1 
ATOM   54  N N    . GLY A 1 5  ? 3.431   -5.014  -2.848  1.00 6.55  ? 5   GLY A N    1 
ATOM   55  C CA   . GLY A 1 5  ? 3.460   -5.191  -4.288  1.00 6.77  ? 5   GLY A CA   1 
ATOM   56  C C    . GLY A 1 5  ? 2.454   -4.362  -5.054  1.00 7.10  ? 5   GLY A C    1 
ATOM   57  O O    . GLY A 1 5  ? 1.899   -4.843  -6.055  1.00 8.58  ? 5   GLY A O    1 
ATOM   58  H H    . GLY A 1 5  ? 4.087   -4.549  -2.542  1.00 7.78  ? 5   GLY A H    1 
ATOM   59  H HA2  . GLY A 1 5  ? 4.344   -4.955  -4.613  1.00 8.12  ? 5   GLY A HA2  1 
ATOM   60  H HA3  . GLY A 1 5  ? 3.288   -6.124  -4.490  1.00 8.12  ? 5   GLY A HA3  1 
ATOM   61  N N    . GLU A 1 6  ? 2.196   -3.138  -4.614  1.00 6.93  ? 6   GLU A N    1 
ATOM   62  C CA   . GLU A 1 6  ? 1.166   -2.316  -5.227  1.00 6.12  ? 6   GLU A CA   1 
ATOM   63  C C    . GLU A 1 6  ? 1.550   -0.856  -5.059  1.00 5.90  ? 6   GLU A C    1 
ATOM   64  O O    . GLU A 1 6  ? 1.803   -0.396  -3.943  1.00 7.33  ? 6   GLU A O    1 
ATOM   65  C CB   . GLU A 1 6  ? -0.206  -2.579  -4.581  1.00 6.88  ? 6   GLU A CB   1 
ATOM   66  C CG   . GLU A 1 6  ? -1.374  -1.849  -5.246  1.00 7.74  ? 6   GLU A CG   1 
ATOM   67  C CD   . GLU A 1 6  ? -2.725  -2.111  -4.571  1.00 7.65  ? 6   GLU A CD   1 
ATOM   68  O OE1  . GLU A 1 6  ? -3.771  -1.988  -5.256  1.00 8.63  ? 6   GLU A OE1  1 
ATOM   69  O OE2  . GLU A 1 6  ? -2.761  -2.398  -3.358  1.00 8.77  ? 6   GLU A OE2  1 
ATOM   70  H H    . GLU A 1 6  ? 2.607   -2.761  -3.960  1.00 8.34  ? 6   GLU A H    1 
ATOM   71  H HA   . GLU A 1 6  ? 1.104   -2.517  -6.174  1.00 7.36  ? 6   GLU A HA   1 
ATOM   72  H HB2  . GLU A 1 6  ? -0.390  -3.531  -4.627  1.00 8.28  ? 6   GLU A HB2  1 
ATOM   73  H HB3  . GLU A 1 6  ? -0.169  -2.294  -3.655  1.00 8.28  ? 6   GLU A HB3  1 
ATOM   74  H HG2  . GLU A 1 6  ? -1.206  -0.894  -5.212  1.00 9.31  ? 6   GLU A HG2  1 
ATOM   75  H HG3  . GLU A 1 6  ? -1.442  -2.141  -6.169  1.00 9.31  ? 6   GLU A HG3  1 
ATOM   76  N N    . SER A 1 7  ? 1.596   -0.129  -6.173  1.00 6.47  ? 7   SER A N    1 
ATOM   77  C CA   . SER A 1 7  ? 1.812   1.310   -6.166  1.00 7.63  ? 7   SER A CA   1 
ATOM   78  C C    . SER A 1 7  ? 0.554   2.044   -5.728  1.00 7.67  ? 7   SER A C    1 
ATOM   79  O O    . SER A 1 7  ? -0.556  1.675   -6.113  1.00 9.18  ? 7   SER A O    1 
ATOM   80  C CB   . SER A 1 7  ? 2.098   1.749   -7.605  1.00 9.41  ? 7   SER A CB   1 
ATOM   81  O OG   . SER A 1 7  ? 2.245   3.160   -7.697  1.00 11.30 ? 7   SER A OG   1 
ATOM   82  H H    . SER A 1 7  ? 1.504   -0.455  -6.963  1.00 7.78  ? 7   SER A H    1 
ATOM   83  H HA   . SER A 1 7  ? 2.541   1.530   -5.564  1.00 9.17  ? 7   SER A HA   1 
ATOM   84  H HB2  . SER A 1 7  ? 2.918   1.327   -7.905  1.00 11.30 ? 7   SER A HB2  1 
ATOM   85  H HB3  . SER A 1 7  ? 1.358   1.472   -8.169  1.00 11.30 ? 7   SER A HB3  1 
ATOM   86  H HG   . SER A 1 7  ? 1.504   3.516   -7.872  1.00 13.57 ? 7   SER A HG   1 
ATOM   87  N N    . CYS A 1 8  ? 0.717   3.105   -4.950  1.00 5.99  ? 8   CYS A N    1 
ATOM   88  C CA   . CYS A 1 8  ? -0.365  4.058   -4.729  1.00 6.69  ? 8   CYS A CA   1 
ATOM   89  C C    . CYS A 1 8  ? 0.049   5.459   -5.156  1.00 6.62  ? 8   CYS A C    1 
ATOM   90  O O    . CYS A 1 8  ? -0.311  6.465   -4.537  1.00 6.97  ? 8   CYS A O    1 
ATOM   91  C CB   . CYS A 1 8  ? -0.918  4.000   -3.305  1.00 6.91  ? 8   CYS A CB   1 
ATOM   92  S SG   . CYS A 1 8  ? 0.328   4.077   -2.010  1.00 7.22  ? 8   CYS A SG   1 
ATOM   93  H H    . CYS A 1 8  ? 1.446   3.295   -4.537  1.00 7.10  ? 8   CYS A H    1 
ATOM   94  H HA   . CYS A 1 8  ? -1.110  3.806   -5.296  1.00 8.04  ? 8   CYS A HA   1 
ATOM   95  H HB2  . CYS A 1 8  ? -1.518  4.750   -3.179  1.00 8.31  ? 8   CYS A HB2  1 
ATOM   96  H HB3  . CYS A 1 8  ? -1.400  3.165   -3.198  1.00 8.31  ? 8   CYS A HB3  1 
ATOM   97  N N    . VAL A 1 9  ? 0.826   5.530   -6.238  1.00 6.58  ? 9   VAL A N    1 
ATOM   98  C CA   . VAL A 1 9  ? 1.144   6.810   -6.851  1.00 7.43  ? 9   VAL A CA   1 
ATOM   99  C C    . VAL A 1 9  ? -0.132  7.530   -7.253  1.00 7.19  ? 9   VAL A C    1 
ATOM   100 O O    . VAL A 1 9  ? -0.245  8.753   -7.112  1.00 8.47  ? 9   VAL A O    1 
ATOM   101 C CB   . VAL A 1 9  ? 2.074   6.586   -8.057  1.00 8.19  ? 9   VAL A CB   1 
ATOM   102 C CG1  . VAL A 1 9  ? 2.180   7.837   -8.908  1.00 11.47 ? 9   VAL A CG1  1 
ATOM   103 C CG2  . VAL A 1 9  ? 3.452   6.108   -7.585  1.00 8.66  ? 9   VAL A CG2  1 
ATOM   104 H H    . VAL A 1 9  ? 1.177   4.852   -6.634  1.00 7.82  ? 9   VAL A H    1 
ATOM   105 H HA   . VAL A 1 9  ? 1.608   7.368   -6.207  1.00 8.93  ? 9   VAL A HA   1 
ATOM   106 H HB   . VAL A 1 9  ? 1.696   5.893   -8.621  1.00 9.84  ? 9   VAL A HB   1 
ATOM   107 H HG11 . VAL A 1 9  ? 1.374   7.927   -9.439  1.00 13.78 ? 9   VAL A HG11 1 
ATOM   108 H HG12 . VAL A 1 9  ? 2.953   7.759   -9.489  1.00 13.78 ? 9   VAL A HG12 1 
ATOM   109 H HG13 . VAL A 1 9  ? 2.281   8.607   -8.325  1.00 13.78 ? 9   VAL A HG13 1 
ATOM   110 H HG21 . VAL A 1 9  ? 3.857   6.801   -7.042  1.00 10.41 ? 9   VAL A HG21 1 
ATOM   111 H HG22 . VAL A 1 9  ? 4.007   5.928   -8.360  1.00 10.41 ? 9   VAL A HG22 1 
ATOM   112 H HG23 . VAL A 1 9  ? 3.342   5.298   -7.062  1.00 10.41 ? 9   VAL A HG23 1 
ATOM   113 N N    . TYR A 1 10 ? -1.092  6.790   -7.804  1.00 6.90  ? 10  TYR A N    1 
ATOM   114 C CA   . TYR A 1 10 ? -2.372  7.345   -8.224  1.00 7.05  ? 10  TYR A CA   1 
ATOM   115 C C    . TYR A 1 10 ? -3.526  6.622   -7.545  1.00 7.06  ? 10  TYR A C    1 
ATOM   116 O O    . TYR A 1 10 ? -4.254  7.230   -6.759  1.00 8.45  ? 10  TYR A O    1 
ATOM   117 C CB   . TYR A 1 10 ? -2.503  7.314   -9.763  1.00 7.18  ? 10  TYR A CB   1 
ATOM   118 C CG   . TYR A 1 10 ? -3.734  8.052   -10.248 1.00 7.45  ? 10  TYR A CG   1 
ATOM   119 C CD1  . TYR A 1 10 ? -3.703  9.424   -10.465 1.00 8.00  ? 10  TYR A CD1  1 
ATOM   120 C CD2  . TYR A 1 10 ? -4.936  7.392   -10.450 1.00 7.27  ? 10  TYR A CD2  1 
ATOM   121 C CE1  . TYR A 1 10 ? -4.832  10.118  -10.868 1.00 8.35  ? 10  TYR A CE1  1 
ATOM   122 C CE2  . TYR A 1 10 ? -6.073  8.074   -10.858 1.00 7.59  ? 10  TYR A CE2  1 
ATOM   123 C CZ   . TYR A 1 10 ? -6.019  9.438   -11.063 1.00 8.12  ? 10  TYR A CZ   1 
ATOM   124 O OH   . TYR A 1 10 ? -7.156  10.107  -11.445 1.00 8.52  ? 10  TYR A OH   1 
ATOM   125 H H    . TYR A 1 10 ? -1.022  5.945   -7.949  1.00 8.20  ? 10  TYR A H    1 
ATOM   126 H HA   . TYR A 1 10 ? -2.414  8.279   -7.966  1.00 8.37  ? 10  TYR A HA   1 
ATOM   127 H HB2  . TYR A 1 10 ? -1.722  7.735   -10.157 1.00 8.53  ? 10  TYR A HB2  1 
ATOM   128 H HB3  . TYR A 1 10 ? -2.567  6.391   -10.058 1.00 8.53  ? 10  TYR A HB3  1 
ATOM   129 H HD1  . TYR A 1 10 ? -2.906  9.885   -10.338 1.00 9.52  ? 10  TYR A HD1  1 
ATOM   130 H HD2  . TYR A 1 10 ? -4.981  6.474   -10.309 1.00 8.64  ? 10  TYR A HD2  1 
ATOM   131 H HE1  . TYR A 1 10 ? -4.792  11.036  -11.006 1.00 9.93  ? 10  TYR A HE1  1 
ATOM   132 H HE2  . TYR A 1 10 ? -6.870  7.613   -10.992 1.00 9.02  ? 10  TYR A HE2  1 
ATOM   133 H HH   . TYR A 1 10 ? -7.477  9.755   -12.136 1.00 10.15 ? 10  TYR A HH   1 
ATOM   134 N N    . LEU A 1 11 ? -3.697  5.337   -7.817  1.00 6.72  ? 11  LEU A N    1 
ATOM   135 C CA   . LEU A 1 11 ? -4.774  4.562   -7.240  1.00 6.54  ? 11  LEU A CA   1 
ATOM   136 C C    . LEU A 1 11 ? -4.556  4.335   -5.751  1.00 7.23  ? 11  LEU A C    1 
ATOM   137 O O    . LEU A 1 11 ? -3.425  4.362   -5.262  1.00 8.21  ? 11  LEU A O    1 
ATOM   138 C CB   . LEU A 1 11 ? -4.830  3.196   -7.918  1.00 8.05  ? 11  LEU A CB   1 
ATOM   139 C CG   . LEU A 1 11 ? -5.247  3.184   -9.396  1.00 6.77  ? 11  LEU A CG   1 
ATOM   140 C CD1  . LEU A 1 11 ? -5.054  1.828   -10.026 1.00 8.97  ? 11  LEU A CD1  1 
ATOM   141 C CD2  . LEU A 1 11 ? -6.688  3.634   -9.515  1.00 9.98  ? 11  LEU A CD2  1 
ATOM   142 H H    . LEU A 1 11 ? -3.191  4.884   -8.344  1.00 8.08  ? 11  LEU A H    1 
ATOM   143 H HA   . LEU A 1 11 ? -5.608  5.042   -7.363  1.00 7.86  ? 11  LEU A HA   1 
ATOM   144 H HB2  . LEU A 1 11 ? -3.947  2.798   -7.867  1.00 9.68  ? 11  LEU A HB2  1 
ATOM   145 H HB3  . LEU A 1 11 ? -5.469  2.647   -7.437  1.00 9.68  ? 11  LEU A HB3  1 
ATOM   146 H HG   . LEU A 1 11 ? -4.679  3.797   -9.889  1.00 8.14  ? 11  LEU A HG   1 
ATOM   147 H HD11 . LEU A 1 11 ? -5.309  1.874   -10.960 1.00 10.78 ? 11  LEU A HD11 1 
ATOM   148 H HD12 . LEU A 1 11 ? -4.122  1.573   -9.949  1.00 10.78 ? 11  LEU A HD12 1 
ATOM   149 H HD13 . LEU A 1 11 ? -5.613  1.183   -9.562  1.00 10.78 ? 11  LEU A HD13 1 
ATOM   150 H HD21 . LEU A 1 11 ? -7.001  3.460   -10.415 1.00 11.99 ? 11  LEU A HD21 1 
ATOM   151 H HD22 . LEU A 1 11 ? -7.226  3.140   -8.875  1.00 11.99 ? 11  LEU A HD22 1 
ATOM   152 H HD23 . LEU A 1 11 ? -6.739  4.584   -9.324  1.00 11.99 ? 11  LEU A HD23 1 
ATOM   153 N N    . PRO A 1 12 ? -5.628  4.079   -5.012  1.00 7.21  ? 12  PRO A N    1 
ATOM   154 C CA   . PRO A 1 12 ? -5.477  3.608   -3.632  1.00 9.10  ? 12  PRO A CA   1 
ATOM   155 C C    . PRO A 1 12 ? -4.967  2.175   -3.595  1.00 7.46  ? 12  PRO A C    1 
ATOM   156 O O    . PRO A 1 12 ? -4.829  1.491   -4.611  1.00 7.75  ? 12  PRO A O    1 
ATOM   157 C CB   . PRO A 1 12 ? -6.896  3.702   -3.081  1.00 11.20 ? 12  PRO A CB   1 
ATOM   158 C CG   . PRO A 1 12 ? -7.766  3.531   -4.267  1.00 11.31 ? 12  PRO A CG   1 
ATOM   159 C CD   . PRO A 1 12 ? -7.033  4.121   -5.437  1.00 9.35  ? 12  PRO A CD   1 
ATOM   160 H HA   . PRO A 1 12 ? -4.883  4.184   -3.126  1.00 10.94 ? 12  PRO A HA   1 
ATOM   161 H HB2  . PRO A 1 12 ? -7.048  2.997   -2.433  1.00 13.46 ? 12  PRO A HB2  1 
ATOM   162 H HB3  . PRO A 1 12 ? -7.036  4.568   -2.668  1.00 13.46 ? 12  PRO A HB3  1 
ATOM   163 H HG2  . PRO A 1 12 ? -7.931  2.586   -4.412  1.00 13.59 ? 12  PRO A HG2  1 
ATOM   164 H HG3  . PRO A 1 12 ? -8.604  3.997   -4.121  1.00 13.59 ? 12  PRO A HG3  1 
ATOM   165 H HD2  . PRO A 1 12 ? -7.168  3.586   -6.235  1.00 11.24 ? 12  PRO A HD2  1 
ATOM   166 H HD3  . PRO A 1 12 ? -7.317  5.034   -5.598  1.00 11.24 ? 12  PRO A HD3  1 
ATOM   167 N N    . CYS A 1 13 ? -4.684  1.715   -2.375  1.00 6.91  ? 13  CYS A N    1 
ATOM   168 C CA   . CYS A 1 13 ? -4.198  0.357   -2.152  1.00 7.39  ? 13  CYS A CA   1 
ATOM   169 C C    . CYS A 1 13 ? -5.391  -0.572  -2.014  1.00 7.29  ? 13  CYS A C    1 
ATOM   170 O O    . CYS A 1 13 ? -6.026  -0.635  -0.958  1.00 7.11  ? 13  CYS A O    1 
ATOM   171 C CB   . CYS A 1 13 ? -3.371  0.282   -0.877  1.00 8.21  ? 13  CYS A CB   1 
ATOM   172 S SG   . CYS A 1 13 ? -1.901  1.274   -0.888  1.00 7.96  ? 13  CYS A SG   1 
ATOM   173 H H    . CYS A 1 13 ? -4.766  2.176   -1.654  1.00 8.31  ? 13  CYS A H    1 
ATOM   174 H HA   . CYS A 1 13 ? -3.662  0.099   -2.918  1.00 8.89  ? 13  CYS A HA   1 
ATOM   175 H HB2  . CYS A 1 13 ? -3.920  0.583   -0.136  1.00 9.87  ? 13  CYS A HB2  1 
ATOM   176 H HB3  . CYS A 1 13 ? -3.101  -0.638  -0.738  1.00 9.87  ? 13  CYS A HB3  1 
ATOM   177 N N    . PHE A 1 14 ? -5.681  -1.336  -3.064  1.00 7.42  ? 14  PHE A N    1 
ATOM   178 C CA   . PHE A 1 14 ? -6.708  -2.364  -2.926  1.00 7.64  ? 14  PHE A CA   1 
ATOM   179 C C    . PHE A 1 14 ? -6.218  -3.520  -2.066  1.00 6.66  ? 14  PHE A C    1 
ATOM   180 O O    . PHE A 1 14 ? -7.038  -4.260  -1.516  1.00 7.07  ? 14  PHE A O    1 
ATOM   181 C CB   . PHE A 1 14 ? -7.227  -2.785  -4.302  1.00 8.08  ? 14  PHE A CB   1 
ATOM   182 C CG   . PHE A 1 14 ? -7.945  -1.672  -5.011  1.00 8.53  ? 14  PHE A CG   1 
ATOM   183 C CD1  . PHE A 1 14 ? -9.254  -1.383  -4.709  1.00 10.01 ? 14  PHE A CD1  1 
ATOM   184 C CD2  . PHE A 1 14 ? -7.280  -0.870  -5.920  1.00 8.64  ? 14  PHE A CD2  1 
ATOM   185 C CE1  . PHE A 1 14 ? -9.915  -0.326  -5.336  1.00 12.00 ? 14  PHE A CE1  1 
ATOM   186 C CE2  . PHE A 1 14 ? -7.942  0.190   -6.542  1.00 12.07 ? 14  PHE A CE2  1 
ATOM   187 C CZ   . PHE A 1 14 ? -9.250  0.450   -6.246  1.00 10.82 ? 14  PHE A CZ   1 
ATOM   188 H H    . PHE A 1 14 ? -5.310  -1.283  -3.838  1.00 8.92  ? 14  PHE A H    1 
ATOM   189 H HA   . PHE A 1 14 ? -7.491  -2.013  -2.474  1.00 9.18  ? 14  PHE A HA   1 
ATOM   190 H HB2  . PHE A 1 14 ? -6.478  -3.059  -4.853  1.00 9.71  ? 14  PHE A HB2  1 
ATOM   191 H HB3  . PHE A 1 14 ? -7.848  -3.524  -4.195  1.00 9.71  ? 14  PHE A HB3  1 
ATOM   192 H HD1  . PHE A 1 14 ? -9.706  -1.896  -4.079  1.00 12.03 ? 14  PHE A HD1  1 
ATOM   193 H HD2  . PHE A 1 14 ? -6.387  -1.038  -6.117  1.00 10.39 ? 14  PHE A HD2  1 
ATOM   194 H HE1  . PHE A 1 14 ? -10.807 -0.149  -5.136  1.00 14.41 ? 14  PHE A HE1  1 
ATOM   195 H HE2  . PHE A 1 14 ? -7.491  0.720   -7.159  1.00 14.50 ? 14  PHE A HE2  1 
ATOM   196 H HZ   . PHE A 1 14 ? -9.689  1.155   -6.664  1.00 13.00 ? 14  PHE A HZ   1 
ATOM   197 N N    . THR A 1 15 ? -4.901  -3.616  -1.860  1.00 6.48  ? 15  THR A N    1 
ATOM   198 C CA   . THR A 1 15 ? -4.338  -4.520  -0.865  1.00 6.57  ? 15  THR A CA   1 
ATOM   199 C C    . THR A 1 15 ? -4.701  -4.099  0.553   1.00 6.66  ? 15  THR A C    1 
ATOM   200 O O    . THR A 1 15 ? -4.313  -4.798  1.488   1.00 6.83  ? 15  THR A O    1 
ATOM   201 C CB   . THR A 1 15 ? -2.815  -4.676  -1.011  1.00 6.37  ? 15  THR A CB   1 
ATOM   202 O OG1  . THR A 1 15 ? -2.185  -3.396  -0.994  1.00 7.04  ? 15  THR A OG1  1 
ATOM   203 C CG2  . THR A 1 15 ? -2.463  -5.405  -2.302  1.00 7.98  ? 15  THR A CG2  1 
ATOM   204 H H    . THR A 1 15 ? -4.310  -3.162  -2.290  1.00 7.79  ? 15  THR A H    1 
ATOM   205 H HA   . THR A 1 15 ? -4.699  -5.406  -1.027  1.00 7.80  ? 15  THR A HA   1 
ATOM   206 H HB   . THR A 1 15 ? -2.481  -5.203  -0.268  1.00 7.56  ? 15  THR A HB   1 
ATOM   207 H HG1  . THR A 1 15 ? -2.453  -2.935  -1.643  1.00 8.46  ? 15  THR A HG1  1 
ATOM   208 H HG21 . THR A 1 15 ? -1.500  -5.501  -2.377  1.00 9.60  ? 15  THR A HG21 1 
ATOM   209 H HG22 . THR A 1 15 ? -2.867  -6.287  -2.306  1.00 9.60  ? 15  THR A HG22 1 
ATOM   210 H HG23 . THR A 1 15 ? -2.790  -4.905  -3.066  1.00 9.60  ? 15  THR A HG23 1 
ATOM   211 N N    . ALA A 1 16 ? -5.475  -3.027  0.736   1.00 6.65  ? 16  ALA A N    1 
ATOM   212 C CA   . ALA A 1 16 ? -6.114  -2.822  2.030   1.00 6.97  ? 16  ALA A CA   1 
ATOM   213 C C    . ALA A 1 16 ? -6.918  -4.050  2.457   1.00 7.49  ? 16  ALA A C    1 
ATOM   214 O O    . ALA A 1 16 ? -7.105  -4.280  3.656   1.00 7.83  ? 16  ALA A O    1 
ATOM   215 C CB   . ALA A 1 16 ? -7.010  -1.586  1.968   1.00 8.02  ? 16  ALA A CB   1 
ATOM   216 H H    . ALA A 1 16 ? -5.640  -2.423  0.146   1.00 7.90  ? 16  ALA A H    1 
ATOM   217 H HA   . ALA A 1 16 ? -5.435  -2.667  2.705   1.00 8.28  ? 16  ALA A HA   1 
ATOM   218 H HB1  . ALA A 1 16 ? -7.438  -1.463  2.831   1.00 9.65  ? 16  ALA A HB1  1 
ATOM   219 H HB2  . ALA A 1 16 ? -6.466  -0.812  1.755   1.00 9.65  ? 16  ALA A HB2  1 
ATOM   220 H HB3  . ALA A 1 16 ? -7.682  -1.717  1.281   1.00 9.65  ? 16  ALA A HB3  1 
ATOM   221 N N    . ALA A 1 17 ? -7.381  -4.863  1.495   1.00 7.66  ? 17  ALA A N    1 
ATOM   222 C CA   . ALA A 1 17 ? -8.114  -6.089  1.805   1.00 8.31  ? 17  ALA A CA   1 
ATOM   223 C C    . ALA A 1 17 ? -7.295  -7.082  2.618   1.00 8.49  ? 17  ALA A C    1 
ATOM   224 O O    . ALA A 1 17 ? -7.883  -7.912  3.323   1.00 9.15  ? 17  ALA A O    1 
ATOM   225 C CB   . ALA A 1 17 ? -8.538  -6.749  0.502   1.00 9.03  ? 17  ALA A CB   1 
ATOM   226 H H    . ALA A 1 17 ? -7.282  -4.722  0.653   1.00 9.11  ? 17  ALA A H    1 
ATOM   227 H HA   . ALA A 1 17 ? -8.897  -5.858  2.328   1.00 9.89  ? 17  ALA A HA   1 
ATOM   228 H HB1  . ALA A 1 17 ? -7.749  -6.920  -0.037  1.00 10.85 ? 17  ALA A HB1  1 
ATOM   229 H HB2  . ALA A 1 17 ? -9.139  -6.153  0.027   1.00 10.85 ? 17  ALA A HB2  1 
ATOM   230 H HB3  . ALA A 1 17 ? -8.990  -7.584  0.702   1.00 10.85 ? 17  ALA A HB3  1 
ATOM   231 N N    . ILE A 1 18 ? -5.959  -7.017  2.533   1.00 8.04  ? 18  ILE A N    1 
ATOM   232 C CA   . ILE A 1 18 ? -5.043  -7.835  3.322   1.00 8.20  ? 18  ILE A CA   1 
ATOM   233 C C    . ILE A 1 18 ? -4.209  -6.978  4.265   1.00 7.82  ? 18  ILE A C    1 
ATOM   234 O O    . ILE A 1 18 ? -3.141  -7.389  4.703   1.00 8.20  ? 18  ILE A O    1 
ATOM   235 C CB   . ILE A 1 18 ? -4.182  -8.781  2.459   1.00 8.26  ? 18  ILE A CB   1 
ATOM   236 C CG1  . ILE A 1 18 ? -3.438  -8.022  1.359   1.00 8.21  ? 18  ILE A CG1  1 
ATOM   237 C CG2  . ILE A 1 18 ? -5.057  -9.867  1.860   1.00 9.22  ? 18  ILE A CG2  1 
ATOM   238 C CD1  . ILE A 1 18 ? -2.367  -8.837  0.664   1.00 11.13 ? 18  ILE A CD1  1 
ATOM   239 H H    . ILE A 1 18 ? -5.547  -6.482  2.001   1.00 9.56  ? 18  ILE A H    1 
ATOM   240 H HA   . ILE A 1 18 ? -5.588  -8.418  3.874   1.00 9.75  ? 18  ILE A HA   1 
ATOM   241 H HB   . ILE A 1 18 ? -3.513  -9.185  3.034   1.00 9.83  ? 18  ILE A HB   1 
ATOM   242 H HG12 . ILE A 1 18 ? -4.079  -7.741  0.687   1.00 9.87  ? 18  ILE A HG12 1 
ATOM   243 H HG13 . ILE A 1 18 ? -3.010  -7.245  1.753   1.00 9.87  ? 18  ILE A HG13 1 
ATOM   244 H HG21 . ILE A 1 18 ? -5.517  -10.334 2.576   1.00 11.08 ? 18  ILE A HG21 1 
ATOM   245 H HG22 . ILE A 1 18 ? -4.497  -10.488 1.367   1.00 11.08 ? 18  ILE A HG22 1 
ATOM   246 H HG23 . ILE A 1 18 ? -5.702  -9.459  1.263   1.00 11.08 ? 18  ILE A HG23 1 
ATOM   247 H HD11 . ILE A 1 18 ? -1.764  -9.201  1.330   1.00 13.37 ? 18  ILE A HD11 1 
ATOM   248 H HD12 . ILE A 1 18 ? -1.878  -8.261  0.056   1.00 13.37 ? 18  ILE A HD12 1 
ATOM   249 H HD13 . ILE A 1 18 ? -2.789  -9.557  0.170   1.00 13.37 ? 18  ILE A HD13 1 
ATOM   250 N N    . GLY A 1 19 ? -4.700  -5.788  4.581   1.00 7.65  ? 19  GLY A N    1 
ATOM   251 C CA   . GLY A 1 19 ? -4.148  -5.003  5.651   1.00 7.93  ? 19  GLY A CA   1 
ATOM   252 C C    . GLY A 1 19 ? -3.137  -3.962  5.257   1.00 7.68  ? 19  GLY A C    1 
ATOM   253 O O    . GLY A 1 19 ? -2.546  -3.348  6.152   1.00 9.07  ? 19  GLY A O    1 
ATOM   254 H H    . GLY A 1 19 ? -5.363  -5.415  4.179   1.00 9.09  ? 19  GLY A H    1 
ATOM   255 H HA2  . GLY A 1 19 ? -4.875  -4.547  6.102   1.00 9.53  ? 19  GLY A HA2  1 
ATOM   256 H HA3  . GLY A 1 19 ? -3.716  -5.606  6.278   1.00 9.53  ? 19  GLY A HA3  1 
ATOM   257 N N    . CYS A 1 20 ? -2.924  -3.715  3.969   1.00 6.69  ? 20  CYS A N    1 
ATOM   258 C CA   . CYS A 1 20 ? -1.938  -2.745  3.530   1.00 6.41  ? 20  CYS A CA   1 
ATOM   259 C C    . CYS A 1 20 ? -2.543  -1.351  3.452   1.00 6.69  ? 20  CYS A C    1 
ATOM   260 O O    . CYS A 1 20 ? -3.749  -1.178  3.276   1.00 8.84  ? 20  CYS A O    1 
ATOM   261 C CB   . CYS A 1 20 ? -1.387  -3.151  2.170   1.00 6.47  ? 20  CYS A CB   1 
ATOM   262 S SG   . CYS A 1 20 ? -0.755  -4.840  2.188   1.00 7.82  ? 20  CYS A SG   1 
ATOM   263 H H    . CYS A 1 20 ? -3.344  -4.103  3.327   1.00 7.94  ? 20  CYS A H    1 
ATOM   264 H HA   . CYS A 1 20 ? -1.207  -2.709  4.167   1.00 7.71  ? 20  CYS A HA   1 
ATOM   265 H HB2  . CYS A 1 20 ? -2.095  -3.097  1.509   1.00 7.78  ? 20  CYS A HB2  1 
ATOM   266 H HB3  . CYS A 1 20 ? -0.661  -2.556  1.929   1.00 7.78  ? 20  CYS A HB3  1 
ATOM   267 N N    . SER A 1 21 ? -1.685  -0.349  3.585   1.00 6.18  ? 21  SER A N    1 
ATOM   268 C CA   A SER A 1 21 ? -2.091  1.043   3.486   0.57 6.75  ? 21  SER A CA   1 
ATOM   269 C CA   B SER A 1 21 ? -2.097  1.042   3.481   0.43 6.77  ? 21  SER A CA   1 
ATOM   270 C C    . SER A 1 21 ? -1.051  1.792   2.673   1.00 6.24  ? 21  SER A C    1 
ATOM   271 O O    . SER A 1 21 ? 0.099   1.380   2.578   1.00 6.10  ? 21  SER A O    1 
ATOM   272 C CB   A SER A 1 21 ? -2.214  1.681   4.871   0.57 8.77  ? 21  SER A CB   1 
ATOM   273 C CB   B SER A 1 21 ? -2.309  1.682   4.857   0.43 8.80  ? 21  SER A CB   1 
ATOM   274 O OG   A SER A 1 21 ? -3.209  1.037   5.651   0.57 10.35 ? 21  SER A OG   1 
ATOM   275 O OG   B SER A 1 21 ? -1.090  2.007   5.488   0.43 9.74  ? 21  SER A OG   1 
ATOM   276 H H    . SER A 1 21 ? -0.844  -0.454  3.735   1.00 7.33  ? 21  SER A H    1 
ATOM   277 H HA   . SER A 1 21 ? -2.949  1.106   3.037   1.00 8.14  ? 21  SER A HA   1 
ATOM   278 H HB2  A SER A 1 21 ? -1.361  1.607   5.328   0.57 10.54 ? 21  SER A HB2  1 
ATOM   279 H HB2  B SER A 1 21 ? -2.827  2.495   4.744   0.43 10.57 ? 21  SER A HB2  1 
ATOM   280 H HB3  A SER A 1 21 ? -2.454  2.615   4.767   0.57 10.54 ? 21  SER A HB3  1 
ATOM   281 H HB3  B SER A 1 21 ? -2.793  1.057   5.419   0.43 10.57 ? 21  SER A HB3  1 
ATOM   282 H HG   A SER A 1 21 ? -3.247  1.387   6.415   0.57 12.44 ? 21  SER A HG   1 
ATOM   283 H HG   B SER A 1 21 ? -1.235  2.475   6.171   0.43 11.70 ? 21  SER A HG   1 
ATOM   284 N N    . CYS A 1 22 ? -1.455  2.923   2.105   1.00 6.24  ? 22  CYS A N    1 
ATOM   285 C CA   . CYS A 1 22 ? -0.540  3.718   1.300   1.00 6.23  ? 22  CYS A CA   1 
ATOM   286 C C    . CYS A 1 22 ? 0.395   4.508   2.203   1.00 6.51  ? 22  CYS A C    1 
ATOM   287 O O    . CYS A 1 22 ? -0.058  5.294   3.045   1.00 6.91  ? 22  CYS A O    1 
ATOM   288 C CB   . CYS A 1 22 ? -1.329  4.689   0.425   1.00 6.55  ? 22  CYS A CB   1 
ATOM   289 S SG   . CYS A 1 22 ? -0.327  5.565   -0.765  1.00 7.40  ? 22  CYS A SG   1 
ATOM   290 H H    . CYS A 1 22 ? -2.249  3.249   2.170   1.00 7.44  ? 22  CYS A H    1 
ATOM   291 H HA   . CYS A 1 22 ? -0.014  3.131   0.736   1.00 7.39  ? 22  CYS A HA   1 
ATOM   292 H HB2  . CYS A 1 22 ? -2.001  4.191   -0.066  1.00 7.88  ? 22  CYS A HB2  1 
ATOM   293 H HB3  . CYS A 1 22 ? -1.755  5.348   0.995   1.00 7.88  ? 22  CYS A HB3  1 
ATOM   294 N N    . LYS A 1 23 ? 1.700   4.346   1.994   1.00 6.45  ? 23  LYS A N    1 
ATOM   295 C CA   . LYS A 1 23 ? 2.713   5.124   2.701   1.00 7.14  ? 23  LYS A CA   1 
ATOM   296 C C    . LYS A 1 23 ? 3.612   5.768   1.656   1.00 6.99  ? 23  LYS A C    1 
ATOM   297 O O    . LYS A 1 23 ? 4.513   5.132   1.112   1.00 7.93  ? 23  LYS A O    1 
ATOM   298 C CB   . LYS A 1 23 ? 3.495   4.240   3.654   1.00 10.16 ? 23  LYS A CB   1 
ATOM   299 C CG   . LYS A 1 23 ? 2.638   3.705   4.784   1.00 13.98 ? 23  LYS A CG   1 
ATOM   300 C CD   . LYS A 1 23 ? 3.402   3.782   6.070   1.00 14.04 ? 23  LYS A CD   1 
ATOM   301 C CE   . LYS A 1 23 ? 2.674   3.118   7.214   1.00 14.78 ? 23  LYS A CE   1 
ATOM   302 N NZ   . LYS A 1 23 ? 3.541   3.059   8.410   1.00 11.62 ? 23  LYS A NZ   1 
ATOM   303 H H    . LYS A 1 23 ? 2.029   3.780   1.436   1.00 7.66  ? 23  LYS A H    1 
ATOM   304 H HA   . LYS A 1 23 ? 2.293   5.830   3.216   1.00 8.58  ? 23  LYS A HA   1 
ATOM   305 H HB2  . LYS A 1 23 ? 3.855   3.483   3.163   1.00 12.21 ? 23  LYS A HB2  1 
ATOM   306 H HB3  . LYS A 1 23 ? 4.219   4.756   4.043   1.00 12.21 ? 23  LYS A HB3  1 
ATOM   307 H HG2  . LYS A 1 23 ? 1.832   4.237   4.865   1.00 16.79 ? 23  LYS A HG2  1 
ATOM   308 H HG3  . LYS A 1 23 ? 2.409   2.778   4.611   1.00 16.79 ? 23  LYS A HG3  1 
ATOM   309 H HD2  . LYS A 1 23 ? 4.257   3.336   5.959   1.00 16.87 ? 23  LYS A HD2  1 
ATOM   310 H HD3  . LYS A 1 23 ? 3.541   4.713   6.301   1.00 16.87 ? 23  LYS A HD3  1 
ATOM   311 H HE2  . LYS A 1 23 ? 1.879   3.629   7.433   1.00 17.75 ? 23  LYS A HE2  1 
ATOM   312 H HE3  . LYS A 1 23 ? 2.429   2.214   6.963   1.00 17.75 ? 23  LYS A HE3  1 
ATOM   313 H HZ1  . LYS A 1 23 ? 4.277   2.593   8.230   1.00 13.96 ? 23  LYS A HZ1  1 
ATOM   314 H HZ2  . LYS A 1 23 ? 3.107   2.665   9.081   1.00 13.96 ? 23  LYS A HZ2  1 
ATOM   315 H HZ3  . LYS A 1 23 ? 3.773   3.881   8.659   1.00 13.96 ? 23  LYS A HZ3  1 
ATOM   316 N N    . SER A 1 24 ? 3.344   7.025   1.363   1.00 7.39  ? 24  SER A N    1 
ATOM   317 C CA   A SER A 1 24 ? 4.130   7.824   0.430   0.72 8.46  ? 24  SER A CA   1 
ATOM   318 C CA   B SER A 1 24 ? 4.200   7.796   0.464   0.28 8.47  ? 24  SER A CA   1 
ATOM   319 C C    . SER A 1 24 ? 4.405   7.060   -0.860  1.00 8.71  ? 24  SER A C    1 
ATOM   320 O O    . SER A 1 24 ? 5.539   6.828   -1.298  1.00 10.33 ? 24  SER A O    1 
ATOM   321 C CB   A SER A 1 24 ? 5.367   8.392   1.105   0.72 10.98 ? 24  SER A CB   1 
ATOM   322 C CB   B SER A 1 24 ? 5.540   8.122   1.135   0.28 10.36 ? 24  SER A CB   1 
ATOM   323 O OG   A SER A 1 24 ? 4.906   9.234   2.156   0.72 8.70  ? 24  SER A OG   1 
ATOM   324 O OG   B SER A 1 24 ? 6.391   8.898   0.301   0.28 9.88  ? 24  SER A OG   1 
ATOM   325 H H    . SER A 1 24 ? 2.684   7.460   1.703   1.00 8.79  ? 24  SER A H    1 
ATOM   326 H HA   A SER A 1 24 ? 3.610   8.595   0.152   0.72 10.17 ? 24  SER A HA   1 
ATOM   327 H HA   B SER A 1 24 ? 3.757   8.635   0.261   0.28 10.18 ? 24  SER A HA   1 
ATOM   328 H HB2  A SER A 1 24 ? 5.907   7.672   1.469   0.72 13.19 ? 24  SER A HB2  1 
ATOM   329 H HB2  B SER A 1 24 ? 5.366   8.621   1.948   0.28 12.45 ? 24  SER A HB2  1 
ATOM   330 H HB3  A SER A 1 24 ? 5.886   8.908   0.468   0.72 13.19 ? 24  SER A HB3  1 
ATOM   331 H HB3  B SER A 1 24 ? 5.990   7.289   1.347   0.28 12.45 ? 24  SER A HB3  1 
ATOM   332 H HG   A SER A 1 24 ? 5.556   9.626   2.515   0.72 10.36 ? 24  SER A HG   1 
ATOM   333 H HG   B SER A 1 24 ? 6.583   8.467   -0.394  0.28 11.87 ? 24  SER A HG   1 
ATOM   334 N N    . LYS A 1 25 ? 3.301   6.697   -1.479  1.00 7.12  ? 25  LYS A N    1 
ATOM   335 C CA   . LYS A 1 25 ? 3.155   6.165   -2.827  1.00 6.92  ? 25  LYS A CA   1 
ATOM   336 C C    . LYS A 1 25 ? 3.417   4.672   -2.934  1.00 6.54  ? 25  LYS A C    1 
ATOM   337 O O    . LYS A 1 25 ? 3.264   4.115   -4.026  1.00 6.44  ? 25  LYS A O    1 
ATOM   338 C CB   . LYS A 1 25 ? 3.958   6.960   -3.861  1.00 8.70  ? 25  LYS A CB   1 
ATOM   339 C CG   . LYS A 1 25 ? 3.512   8.425   -3.900  1.00 11.06 ? 25  LYS A CG   1 
ATOM   340 C CD   . LYS A 1 25 ? 4.261   9.224   -4.936  1.00 13.02 ? 25  LYS A CD   1 
ATOM   341 C CE   . LYS A 1 25 ? 3.665   10.616  -5.105  1.00 18.67 ? 25  LYS A CE   1 
ATOM   342 N NZ   . LYS A 1 25 ? 3.915   11.436  -3.909  1.00 23.35 ? 25  LYS A NZ   1 
ATOM   343 H H    . LYS A 1 25 ? 2.532   6.757   -1.097  1.00 8.46  ? 25  LYS A H    1 
ATOM   344 H HA   . LYS A 1 25 ? 2.223   6.247   -3.083  1.00 8.22  ? 25  LYS A HA   1 
ATOM   345 H HB2  . LYS A 1 25 ? 4.900   6.932   -3.628  1.00 10.45 ? 25  LYS A HB2  1 
ATOM   346 H HB3  . LYS A 1 25 ? 3.823   6.574   -4.740  1.00 10.45 ? 25  LYS A HB3  1 
ATOM   347 H HG2  . LYS A 1 25 ? 2.568   8.465   -4.113  1.00 13.29 ? 25  LYS A HG2  1 
ATOM   348 H HG3  . LYS A 1 25 ? 3.674   8.831   -3.032  1.00 13.29 ? 25  LYS A HG3  1 
ATOM   349 H HD2  . LYS A 1 25 ? 5.187   9.319   -4.661  1.00 15.64 ? 25  LYS A HD2  1 
ATOM   350 H HD3  . LYS A 1 25 ? 4.214   8.766   -5.790  1.00 15.64 ? 25  LYS A HD3  1 
ATOM   351 H HE2  . LYS A 1 25 ? 4.072   11.053  -5.869  1.00 22.42 ? 25  LYS A HE2  1 
ATOM   352 H HE3  . LYS A 1 25 ? 2.707   10.546  -5.235  1.00 22.42 ? 25  LYS A HE3  1 
ATOM   353 H HZ1  . LYS A 1 25 ? 3.564   12.246  -4.016  1.00 28.04 ? 25  LYS A HZ1  1 
ATOM   354 H HZ2  . LYS A 1 25 ? 3.546   11.053  -3.195  1.00 28.04 ? 25  LYS A HZ2  1 
ATOM   355 H HZ3  . LYS A 1 25 ? 4.791   11.516  -3.773  1.00 28.04 ? 25  LYS A HZ3  1 
ATOM   356 N N    . VAL A 1 26 ? 3.706   3.987   -1.831  1.00 6.40  ? 26  VAL A N    1 
ATOM   357 C CA   . VAL A 1 26 ? 3.903   2.545   -1.822  1.00 6.16  ? 26  VAL A CA   1 
ATOM   358 C C    . VAL A 1 26 ? 2.903   1.935   -0.851  1.00 5.93  ? 26  VAL A C    1 
ATOM   359 O O    . VAL A 1 26 ? 2.786   2.386   0.292   1.00 6.01  ? 26  VAL A O    1 
ATOM   360 C CB   . VAL A 1 26 ? 5.336   2.196   -1.387  1.00 6.37  ? 26  VAL A CB   1 
ATOM   361 C CG1  . VAL A 1 26 ? 5.532   0.698   -1.347  1.00 6.52  ? 26  VAL A CG1  1 
ATOM   362 C CG2  . VAL A 1 26 ? 6.340   2.829   -2.320  1.00 7.59  ? 26  VAL A CG2  1 
ATOM   363 H H    . VAL A 1 26 ? 3.794   4.348   -1.055  1.00 7.59  ? 26  VAL A H    1 
ATOM   364 H HA   . VAL A 1 26 ? 3.737   2.186   -2.707  1.00 7.31  ? 26  VAL A HA   1 
ATOM   365 H HB   . VAL A 1 26 ? 5.482   2.547   -0.495  1.00 7.55  ? 26  VAL A HB   1 
ATOM   366 H HG11 . VAL A 1 26 ? 5.030   0.334   -0.601  1.00 7.84  ? 26  VAL A HG11 1 
ATOM   367 H HG12 . VAL A 1 26 ? 6.477   0.506   -1.236  1.00 7.84  ? 26  VAL A HG12 1 
ATOM   368 H HG13 . VAL A 1 26 ? 5.213   0.315   -2.179  1.00 7.84  ? 26  VAL A HG13 1 
ATOM   369 H HG21 . VAL A 1 26 ? 6.156   2.535   -3.227  1.00 9.13  ? 26  VAL A HG21 1 
ATOM   370 H HG22 . VAL A 1 26 ? 7.232   2.555   -2.058  1.00 9.13  ? 26  VAL A HG22 1 
ATOM   371 H HG23 . VAL A 1 26 ? 6.260   3.794   -2.263  1.00 9.13  ? 26  VAL A HG23 1 
ATOM   372 N N    . CYS A 1 27 ? 2.229   0.873   -1.278  1.00 5.77  ? 27  CYS A N    1 
ATOM   373 C CA   . CYS A 1 27 ? 1.382   0.114   -0.372  1.00 5.70  ? 27  CYS A CA   1 
ATOM   374 C C    . CYS A 1 27 ? 2.243   -0.773  0.518   1.00 5.76  ? 27  CYS A C    1 
ATOM   375 O O    . CYS A 1 27 ? 3.057   -1.566  0.032   1.00 5.84  ? 27  CYS A O    1 
ATOM   376 C CB   . CYS A 1 27 ? 0.383   -0.711  -1.177  1.00 6.14  ? 27  CYS A CB   1 
ATOM   377 S SG   . CYS A 1 27 ? -0.694  0.321   -2.236  1.00 7.50  ? 27  CYS A SG   1 
ATOM   378 H H    . CYS A 1 27 ? 2.246   0.574   -2.085  1.00 6.84  ? 27  CYS A H    1 
ATOM   379 H HA   . CYS A 1 27 ? 0.880   0.711   0.206   1.00 6.75  ? 27  CYS A HA   1 
ATOM   380 H HB2  . CYS A 1 27 ? 0.870   -1.323  -1.750  1.00 7.38  ? 27  CYS A HB2  1 
ATOM   381 H HB3  . CYS A 1 27 ? -0.183  -1.207  -0.566  1.00 7.38  ? 27  CYS A HB3  1 
ATOM   382 N N    . TYR A 1 28 ? 2.026   -0.647  1.834   1.00 5.82  ? 28  TYR A N    1 
ATOM   383 C CA   . TYR A 1 28 ? 2.886   -1.239  2.864   1.00 5.93  ? 28  TYR A CA   1 
ATOM   384 C C    . TYR A 1 28 ? 2.022   -1.835  3.980   1.00 6.04  ? 28  TYR A C    1 
ATOM   385 O O    . TYR A 1 28 ? 0.910   -1.373  4.274   1.00 6.39  ? 28  TYR A O    1 
ATOM   386 C CB   . TYR A 1 28 ? 3.732   -0.155  3.544   1.00 7.08  ? 28  TYR A CB   1 
ATOM   387 C CG   . TYR A 1 28 ? 5.150   -0.030  3.041   1.00 6.17  ? 28  TYR A CG   1 
ATOM   388 C CD1  . TYR A 1 28 ? 6.093   -0.957  3.439   1.00 6.32  ? 28  TYR A CD1  1 
ATOM   389 C CD2  . TYR A 1 28 ? 5.550   0.971   2.167   1.00 6.26  ? 28  TYR A CD2  1 
ATOM   390 C CE1  . TYR A 1 28 ? 7.406   -0.895  3.007   1.00 6.55  ? 28  TYR A CE1  1 
ATOM   391 C CE2  . TYR A 1 28 ? 6.870   1.061   1.736   1.00 6.82  ? 28  TYR A CE2  1 
ATOM   392 C CZ   . TYR A 1 28 ? 7.795   0.127   2.159   1.00 6.66  ? 28  TYR A CZ   1 
ATOM   393 O OH   . TYR A 1 28 ? 9.094   0.194   1.750   1.00 8.29  ? 28  TYR A OH   1 
ATOM   394 H H    . TYR A 1 28 ? 1.246   -0.380  2.231   1.00 7.00  ? 28  TYR A H    1 
ATOM   395 H HA   . TYR A 1 28 ? 3.475   -1.906  2.424   1.00 7.03  ? 28  TYR A HA   1 
ATOM   396 H HB2  . TYR A 1 28 ? 3.280   0.705   3.424   1.00 8.51  ? 28  TYR A HB2  1 
ATOM   397 H HB3  . TYR A 1 28 ? 3.756   -0.346  4.505   1.00 8.51  ? 28  TYR A HB3  1 
ATOM   398 H HD1  . TYR A 1 28 ? 5.841   -1.622  4.048   1.00 7.50  ? 28  TYR A HD1  1 
ATOM   399 H HD2  . TYR A 1 28 ? 4.924   1.613   1.879   1.00 7.43  ? 28  TYR A HD2  1 
ATOM   400 H HE1  . TYR A 1 28 ? 8.040   -1.521  3.316   1.00 7.77  ? 28  TYR A HE1  1 
ATOM   401 H HE2  . TYR A 1 28 ? 7.128   1.747   1.144   1.00 8.20  ? 28  TYR A HE2  1 
ATOM   402 H HH   . TYR A 1 28 ? 9.276   -0.471  1.241   1.00 9.97  ? 28  TYR A HH   1 
ATOM   403 N N    . LYS A 1 29 ? 2.567   -2.849  4.616   1.00 6.19  ? 29  LYS A N    1 
ATOM   404 C CA   . LYS A 1 29 ? 1.995   -3.418  5.825   1.00 6.41  ? 29  LYS A CA   1 
ATOM   405 C C    . LYS A 1 29 ? 3.109   -3.827  6.769   1.00 6.59  ? 29  LYS A C    1 
ATOM   406 O O    . LYS A 1 29 ? 3.904   -4.713  6.445   1.00 6.69  ? 29  LYS A O    1 
ATOM   407 C CB   . LYS A 1 29 ? 1.135   -4.635  5.514   1.00 7.56  ? 29  LYS A CB   1 
ATOM   408 C CG   . LYS A 1 29 ? 0.419   -5.141  6.741   1.00 7.86  ? 29  LYS A CG   1 
ATOM   409 C CD   . LYS A 1 29 ? -0.355  -6.411  6.446   1.00 8.54  ? 29  LYS A CD   1 
ATOM   410 C CE   . LYS A 1 29 ? -1.122  -6.854  7.652   1.00 9.66  ? 29  LYS A CE   1 
ATOM   411 N NZ   . LYS A 1 29 ? -2.000  -7.993  7.325   1.00 10.55 ? 29  LYS A NZ   1 
ATOM   412 H H    . LYS A 1 29 ? 3.293   -3.230  4.357   1.00 7.34  ? 29  LYS A H    1 
ATOM   413 H HA   . LYS A 1 29 ? 1.453   -2.737  6.253   1.00 7.61  ? 29  LYS A HA   1 
ATOM   414 H HB2  . LYS A 1 29 ? 0.469   -4.395  4.850   1.00 9.09  ? 29  LYS A HB2  1 
ATOM   415 H HB3  . LYS A 1 29 ? 1.700   -5.347  5.174   1.00 9.09  ? 29  LYS A HB3  1 
ATOM   416 H HG2  . LYS A 1 29 ? 1.068   -5.335  7.436   1.00 9.45  ? 29  LYS A HG2  1 
ATOM   417 H HG3  . LYS A 1 29 ? -0.207  -4.468  7.049   1.00 9.45  ? 29  LYS A HG3  1 
ATOM   418 H HD2  . LYS A 1 29 ? -0.982  -6.248  5.724   1.00 10.27 ? 29  LYS A HD2  1 
ATOM   419 H HD3  . LYS A 1 29 ? 0.263   -7.115  6.196   1.00 10.27 ? 29  LYS A HD3  1 
ATOM   420 H HE2  . LYS A 1 29 ? -0.503  -7.131  8.345   1.00 11.61 ? 29  LYS A HE2  1 
ATOM   421 H HE3  . LYS A 1 29 ? -1.673  -6.122  7.972   1.00 11.61 ? 29  LYS A HE3  1 
ATOM   422 H HZ1  . LYS A 1 29 ? -2.580  -7.758  6.692   1.00 12.67 ? 29  LYS A HZ1  1 
ATOM   423 H HZ2  . LYS A 1 29 ? -1.513  -8.678  7.033   1.00 12.67 ? 29  LYS A HZ2  1 
ATOM   424 H HZ3  . LYS A 1 29 ? -2.451  -8.247  8.050   1.00 12.67 ? 29  LYS A HZ3  1 
ATOM   425 N N    . ASN A 1 30 ? 3.154   -3.198  7.938   1.00 6.72  ? 30  ASN A N    1 
ATOM   426 C CA   . ASN A 1 30 ? 4.099   -3.569  8.980   1.00 6.96  ? 30  ASN A CA   1 
ATOM   427 C C    . ASN A 1 30 ? 5.537   -3.638  8.481   1.00 6.93  ? 30  ASN A C    1 
ATOM   428 O O    . ASN A 1 30 ? 6.319   -4.478  8.914   1.00 7.17  ? 30  ASN A O    1 
ATOM   429 C CB   . ASN A 1 30 ? 3.657   -4.865  9.674   1.00 8.04  ? 30  ASN A CB   1 
ATOM   430 C CG   . ASN A 1 30 ? 2.203   -4.810  10.121  1.00 8.23  ? 30  ASN A CG   1 
ATOM   431 O OD1  . ASN A 1 30 ? 1.695   -3.732  10.433  1.00 9.44  ? 30  ASN A OD1  1 
ATOM   432 N ND2  . ASN A 1 30 ? 1.548   -5.950  10.199  1.00 10.54 ? 30  ASN A ND2  1 
ATOM   433 H H    . ASN A 1 30 ? 2.640   -2.543  8.153   1.00 7.98  ? 30  ASN A H    1 
ATOM   434 H HA   . ASN A 1 30 ? 4.100   -2.872  9.655   1.00 8.27  ? 30  ASN A HA   1 
ATOM   435 H HB2  . ASN A 1 30 ? 3.756   -5.607  9.056   1.00 9.67  ? 30  ASN A HB2  1 
ATOM   436 H HB3  . ASN A 1 30 ? 4.209   -5.011  10.458  1.00 9.67  ? 30  ASN A HB3  1 
ATOM   437 H HD21 . ASN A 1 30 ? 1.945   -6.688  10.001  1.00 12.67 ? 30  ASN A HD21 1 
ATOM   438 H HD22 . ASN A 1 30 ? 0.725   -5.957  10.448  1.00 12.67 ? 30  ASN A HD22 1 
HETATM 439 P P    . PO4 B 2 .  ? 2.253   -0.066  9.951   1.00 8.84  ? 101 PO4 A P    1 
HETATM 440 O O1   . PO4 B 2 .  ? 3.484   0.803   10.158  1.00 11.51 ? 101 PO4 A O1   1 
HETATM 441 O O2   . PO4 B 2 .  ? 2.158   -0.623  8.564   1.00 11.67 ? 101 PO4 A O2   1 
HETATM 442 O O3   . PO4 B 2 .  ? 0.979   0.674   10.312  1.00 14.93 ? 101 PO4 A O3   1 
HETATM 443 O O4   . PO4 B 2 .  ? 2.379   -1.225  10.941  1.00 11.19 ? 101 PO4 A O4   1 
HETATM 444 O O    . HOH C 3 .  ? 0.520   0.184   6.699   1.00 12.30 ? 201 HOH A O    1 
HETATM 445 O O    . HOH C 3 .  ? -1.942  -0.927  7.140   1.00 13.68 ? 202 HOH A O    1 
HETATM 446 O O    . HOH C 3 .  ? -7.075  12.784  -11.180 1.00 9.86  ? 203 HOH A O    1 
HETATM 447 O O    . HOH C 3 .  ? 7.238   -5.646  11.162  1.00 12.26 ? 204 HOH A O    1 
HETATM 448 O O    . HOH C 3 .  ? 1.157   -4.581  -8.633  1.00 8.79  ? 205 HOH A O    1 
HETATM 449 O O    . HOH C 3 .  ? -1.724  0.695   -8.337  1.00 9.41  ? 206 HOH A O    1 
HETATM 450 O O    . HOH C 3 .  ? 9.581   1.553   -0.547  1.00 9.70  ? 207 HOH A O    1 
HETATM 451 O O    . HOH C 3 .  ? -3.997  0.098   -6.976  1.00 8.86  ? 208 HOH A O    1 
HETATM 452 O O    . HOH C 3 .  ? 2.068   4.065   -10.265 1.00 16.17 ? 209 HOH A O    1 
HETATM 453 O O    . HOH C 3 .  ? -2.775  7.939   -4.524  1.00 11.41 ? 210 HOH A O    1 
HETATM 454 O O    . HOH C 3 .  ? -5.751  0.192   4.627   1.00 17.61 ? 211 HOH A O    1 
HETATM 455 O O    . HOH C 3 .  ? -4.519  -4.658  -5.739  1.00 13.99 ? 212 HOH A O    1 
HETATM 456 O O    . HOH C 3 .  ? 0.362   10.323  -4.847  1.00 17.19 ? 213 HOH A O    1 
HETATM 457 O O    . HOH C 3 .  ? -6.615  -2.299  5.616   1.00 12.80 ? 214 HOH A O    1 
HETATM 458 O O    . HOH C 3 .  ? -0.732  10.807  -9.006  1.00 19.92 ? 215 HOH A O    1 
HETATM 459 O O    . HOH C 3 .  ? 4.108   -2.207  -2.544  1.00 6.59  ? 216 HOH A O    1 
HETATM 460 O O    . HOH C 3 .  ? 0.024   -9.797  8.229   1.00 16.91 ? 217 HOH A O    1 
HETATM 461 O O    . HOH C 3 .  ? -0.809  -8.908  4.023   1.00 31.80 ? 218 HOH A O    1 
HETATM 462 O O    . HOH C 3 .  ? -0.553  4.838   5.830   1.00 12.62 ? 219 HOH A O    1 
HETATM 463 O O    . HOH C 3 .  ? 3.415   -7.517  5.967   1.00 19.36 ? 220 HOH A O    1 
HETATM 464 O O    . HOH C 3 .  ? -0.369  -6.560  -5.530  1.00 20.31 ? 221 HOH A O    1 
HETATM 465 O O    . HOH C 3 .  ? 1.420   10.812  -2.552  1.00 20.59 ? 222 HOH A O    1 
HETATM 466 O O    . HOH C 3 .  ? 7.126   11.184  1.943   1.00 20.62 ? 223 HOH A O    1 
HETATM 467 O O    . HOH C 3 .  ? -5.204  3.118   0.125   1.00 23.62 ? 224 HOH A O    1 
HETATM 468 O O    . HOH C 3 .  ? 10.094  -0.493  5.559   1.00 7.53  ? 225 HOH A O    1 
HETATM 469 O O    . HOH C 3 .  ? 2.286   13.777  -4.733  1.00 18.57 ? 226 HOH A O    1 
HETATM 470 O O    . HOH C 3 .  ? 2.283   -8.362  8.571   1.00 27.21 ? 227 HOH A O    1 
HETATM 471 O O    . HOH C 3 .  ? -7.324  1.846   0.391   1.00 32.03 ? 228 HOH A O    1 
HETATM 472 O O    . HOH C 3 .  ? -5.404  -9.236  6.574   1.00 10.27 ? 229 HOH A O    1 
HETATM 473 O O    . HOH C 3 .  ? 3.002   -8.962  0.603   1.00 30.49 ? 230 HOH A O    1 
HETATM 474 O O    . HOH C 3 .  ? 5.197   -4.919  12.687  1.00 20.81 ? 231 HOH A O    1 
HETATM 475 O O    . HOH C 3 .  ? 5.236   -9.019  10.193  1.00 34.99 ? 232 HOH A O    1 
# 
loop_
_atom_site_anisotrop.id 
_atom_site_anisotrop.type_symbol 
_atom_site_anisotrop.pdbx_label_atom_id 
_atom_site_anisotrop.pdbx_label_alt_id 
_atom_site_anisotrop.pdbx_label_comp_id 
_atom_site_anisotrop.pdbx_label_asym_id 
_atom_site_anisotrop.pdbx_label_seq_id 
_atom_site_anisotrop.pdbx_PDB_ins_code 
_atom_site_anisotrop.U[1][1] 
_atom_site_anisotrop.U[2][2] 
_atom_site_anisotrop.U[3][3] 
_atom_site_anisotrop.U[1][2] 
_atom_site_anisotrop.U[1][3] 
_atom_site_anisotrop.U[2][3] 
_atom_site_anisotrop.pdbx_auth_seq_id 
_atom_site_anisotrop.pdbx_auth_comp_id 
_atom_site_anisotrop.pdbx_auth_asym_id 
_atom_site_anisotrop.pdbx_auth_atom_id 
1   N N   . GLY A 1  ? 0.0818 0.0994 0.0752 -0.0084 0.0018  -0.0073 1   GLY A N   
2   C CA  . GLY A 1  ? 0.0809 0.1036 0.0757 -0.0085 0.0008  -0.0079 1   GLY A CA  
3   C C   . GLY A 1  ? 0.0791 0.1023 0.0776 -0.0052 0.0004  -0.0085 1   GLY A C   
4   O O   . GLY A 1  ? 0.0782 0.1091 0.0781 -0.0047 0.0001  -0.0088 1   GLY A O   
10  N N   . PHE A 2  ? 0.0796 0.0963 0.0793 -0.0030 0.0002  -0.0086 2   PHE A N   
11  C CA  . PHE A 2  ? 0.0805 0.0960 0.0821 0.0014  -0.0011 -0.0103 2   PHE A CA  
12  C C   . PHE A 2  ? 0.0783 0.0904 0.0801 0.0006  0.0004  -0.0123 2   PHE A C   
13  O O   . PHE A 2  ? 0.0778 0.0849 0.0792 -0.0019 0.0012  -0.0117 2   PHE A O   
14  C CB  . PHE A 2  ? 0.0867 0.0945 0.0885 0.0046  -0.0044 -0.0090 2   PHE A CB  
15  C CG  . PHE A 2  ? 0.0903 0.1010 0.0917 0.0064  -0.0063 -0.0065 2   PHE A CG  
16  C CD1 . PHE A 2  ? 0.1078 0.1242 0.1096 0.0124  -0.0078 -0.0078 2   PHE A CD1 
17  C CD2 . PHE A 2  ? 0.1086 0.1188 0.1092 0.0027  -0.0064 -0.0027 2   PHE A CD2 
18  C CE1 . PHE A 2  ? 0.1040 0.1240 0.1054 0.0147  -0.0097 -0.0052 2   PHE A CE1 
19  C CE2 . PHE A 2  ? 0.1243 0.1379 0.1244 0.0043  -0.0082 0.0000  2   PHE A CE2 
20  C CZ  . PHE A 2  ? 0.1137 0.1317 0.1144 0.0103  -0.0100 -0.0012 2   PHE A CZ  
30  N N   . PRO A 3  ? 0.0772 0.0943 0.0797 0.0029  0.0008  -0.0144 3   PRO A N   
31  C CA  . PRO A 3  ? 0.0756 0.0900 0.0780 0.0023  0.0019  -0.0160 3   PRO A CA  
32  C C   . PRO A 3  ? 0.0907 0.0961 0.0930 0.0046  -0.0003 -0.0171 3   PRO A C   
33  O O   . PRO A 3  ? 0.1037 0.1050 0.1056 0.0084  -0.0035 -0.0178 3   PRO A O   
34  C CB  . PRO A 3  ? 0.0871 0.1120 0.0900 0.0047  0.0025  -0.0171 3   PRO A CB  
35  C CG  . PRO A 3  ? 0.1061 0.1376 0.1095 0.0094  0.0010  -0.0172 3   PRO A CG  
36  C CD  . PRO A 3  ? 0.0806 0.1085 0.0839 0.0067  0.0003  -0.0149 3   PRO A CD  
44  N N   . CYS A 4  ? 0.0837 0.0858 0.0862 0.0022  0.0006  -0.0172 4   CYS A N   
45  C CA  . CYS A 4  ? 0.0969 0.0913 0.0996 0.0023  -0.0021 -0.0177 4   CYS A CA  
46  C C   . CYS A 4  ? 0.0977 0.0917 0.0993 0.0057  -0.0033 -0.0213 4   CYS A C   
47  O O   . CYS A 4  ? 0.1311 0.1183 0.1324 0.0051  -0.0062 -0.0221 4   CYS A O   
48  C CB  . CYS A 4  ? 0.1175 0.1115 0.1212 -0.0022 -0.0005 -0.0148 4   CYS A CB  
49  S SG  . CYS A 4  ? 0.1133 0.1094 0.1168 -0.0048 0.0005  -0.0110 4   CYS A SG  
54  N N   . GLY A 5  ? 0.0817 0.0842 0.0829 0.0088  -0.0014 -0.0233 5   GLY A N   
55  C CA  . GLY A 5  ? 0.0840 0.0895 0.0836 0.0128  -0.0022 -0.0268 5   GLY A CA  
56  C C   . GLY A 5  ? 0.0877 0.0940 0.0879 0.0096  -0.0004 -0.0262 5   GLY A C   
57  O O   . GLY A 5  ? 0.1077 0.1117 0.1065 0.0117  -0.0025 -0.0290 5   GLY A O   
61  N N   . GLU A 6  ? 0.0845 0.0932 0.0857 0.0051  0.0027  -0.0229 6   GLU A N   
62  C CA  . GLU A 6  ? 0.0741 0.0828 0.0755 0.0029  0.0039  -0.0220 6   GLU A CA  
63  C C   . GLU A 6  ? 0.0706 0.0825 0.0712 0.0000  0.0063  -0.0192 6   GLU A C   
64  O O   . GLU A 6  ? 0.0896 0.0990 0.0897 -0.0022 0.0069  -0.0177 6   GLU A O   
65  C CB  . GLU A 6  ? 0.0855 0.0880 0.0881 0.0005  0.0032  -0.0206 6   GLU A CB  
66  C CG  . GLU A 6  ? 0.0958 0.0997 0.0986 -0.0005 0.0042  -0.0197 6   GLU A CG  
67  C CD  . GLU A 6  ? 0.0943 0.0971 0.0990 -0.0026 0.0037  -0.0176 6   GLU A CD  
68  O OE1 . GLU A 6  ? 0.1057 0.1110 0.1112 -0.0029 0.0033  -0.0171 6   GLU A OE1 
69  O OE2 . GLU A 6  ? 0.1087 0.1105 0.1140 -0.0040 0.0037  -0.0158 6   GLU A OE2 
76  N N   . SER A 7  ? 0.0765 0.0931 0.0763 -0.0002 0.0070  -0.0183 7   SER A N   
77  C CA  . SER A 7  ? 0.0916 0.1083 0.0898 -0.0038 0.0078  -0.0150 7   SER A CA  
78  C C   . SER A 7  ? 0.0956 0.1034 0.0922 -0.0043 0.0081  -0.0144 7   SER A C   
79  O O   . SER A 7  ? 0.1147 0.1218 0.1123 -0.0023 0.0082  -0.0155 7   SER A O   
80  C CB  . SER A 7  ? 0.1116 0.1365 0.1093 -0.0038 0.0081  -0.0134 7   SER A CB  
81  O OG  . SER A 7  ? 0.1372 0.1596 0.1325 -0.0084 0.0076  -0.0089 7   SER A OG  
87  N N   . CYS A 8  ? 0.0774 0.0791 0.0710 -0.0066 0.0076  -0.0129 8   CYS A N   
88  C CA  . CYS A 8  ? 0.0901 0.0837 0.0804 -0.0052 0.0073  -0.0126 8   CYS A CA  
89  C C   . CYS A 8  ? 0.0927 0.0803 0.0786 -0.0081 0.0052  -0.0098 8   CYS A C   
90  O O   . CYS A 8  ? 0.1026 0.0792 0.0832 -0.0073 0.0033  -0.0100 8   CYS A O   
91  C CB  . CYS A 8  ? 0.0949 0.0841 0.0837 -0.0032 0.0077  -0.0144 8   CYS A CB  
92  S SG  . CYS A 8  ? 0.1003 0.0869 0.0870 -0.0063 0.0066  -0.0148 8   CYS A SG  
97  N N   . VAL A 9  ? 0.0894 0.0842 0.0767 -0.0112 0.0048  -0.0069 9   VAL A N   
98  C CA  . VAL A 9  ? 0.1030 0.0929 0.0864 -0.0153 0.0022  -0.0023 9   VAL A CA  
99  C C   . VAL A 9  ? 0.1038 0.0852 0.0841 -0.0114 0.0013  -0.0022 9   VAL A C   
100 O O   . VAL A 9  ? 0.1265 0.0947 0.1007 -0.0127 -0.0021 -0.0001 9   VAL A O   
101 C CB  . VAL A 9  ? 0.1065 0.1115 0.0931 -0.0186 0.0026  0.0016  9   VAL A CB  
102 C CG1 . VAL A 9  ? 0.1503 0.1520 0.1334 -0.0234 -0.0003 0.0079  9   VAL A CG1 
103 C CG2 . VAL A 9  ? 0.1085 0.1231 0.0974 -0.0221 0.0028  0.0023  9   VAL A CG2 
113 N N   . TYR A 10 ? 0.0969 0.0848 0.0804 -0.0067 0.0038  -0.0043 10  TYR A N   
114 C CA  . TYR A 10 ? 0.1010 0.0845 0.0824 -0.0022 0.0034  -0.0041 10  TYR A CA  
115 C C   . TYR A 10 ? 0.0994 0.0854 0.0832 0.0030  0.0055  -0.0080 10  TYR A C   
116 O O   . TYR A 10 ? 0.1207 0.0997 0.1009 0.0073  0.0049  -0.0092 10  TYR A O   
117 C CB  . TYR A 10 ? 0.0991 0.0915 0.0823 -0.0028 0.0036  -0.0012 10  TYR A CB  
118 C CG  . TYR A 10 ? 0.1049 0.0926 0.0854 0.0017  0.0026  0.0001  10  TYR A CG  
119 C CD1 . TYR A 10 ? 0.1179 0.0937 0.0924 0.0010  -0.0010 0.0041  10  TYR A CD1 
120 C CD2 . TYR A 10 ? 0.0993 0.0939 0.0829 0.0065  0.0044  -0.0024 10  TYR A CD2 
121 C CE1 . TYR A 10 ? 0.1250 0.0959 0.0964 0.0066  -0.0023 0.0052  10  TYR A CE1 
122 C CE2 . TYR A 10 ? 0.1046 0.0974 0.0862 0.0114  0.0034  -0.0010 10  TYR A CE2 
123 C CZ  . TYR A 10 ? 0.1173 0.0984 0.0927 0.0123  0.0003  0.0024  10  TYR A CZ  
124 O OH  . TYR A 10 ? 0.1241 0.1029 0.0969 0.0187  -0.0008 0.0036  10  TYR A OH  
134 N N   . LEU A 11 ? 0.0900 0.0862 0.0792 0.0030  0.0073  -0.0096 11  LEU A N   
135 C CA  . LEU A 11 ? 0.0853 0.0857 0.0774 0.0057  0.0084  -0.0115 11  LEU A CA  
136 C C   . LEU A 11 ? 0.0952 0.0926 0.0869 0.0057  0.0090  -0.0130 11  LEU A C   
137 O O   . LEU A 11 ? 0.1093 0.1029 0.0998 0.0029  0.0086  -0.0133 11  LEU A O   
138 C CB  . LEU A 11 ? 0.1002 0.1087 0.0970 0.0041  0.0084  -0.0127 11  LEU A CB  
139 C CG  . LEU A 11 ? 0.0819 0.0960 0.0793 0.0047  0.0077  -0.0121 11  LEU A CG  
140 C CD1 . LEU A 11 ? 0.1074 0.1264 0.1072 0.0036  0.0065  -0.0147 11  LEU A CD1 
141 C CD2 . LEU A 11 ? 0.1215 0.1383 0.1193 0.0078  0.0078  -0.0107 11  LEU A CD2 
153 N N   . PRO A 12 ? 0.0931 0.0948 0.0860 0.0087  0.0099  -0.0134 12  PRO A N   
154 C CA  . PRO A 12 ? 0.1167 0.1192 0.1099 0.0083  0.0106  -0.0142 12  PRO A CA  
155 C C   . PRO A 12 ? 0.0932 0.0993 0.0911 0.0038  0.0103  -0.0139 12  PRO A C   
156 O O   . PRO A 12 ? 0.0955 0.1033 0.0959 0.0020  0.0093  -0.0141 12  PRO A O   
157 C CB  . PRO A 12 ? 0.1405 0.1511 0.1341 0.0127  0.0117  -0.0134 12  PRO A CB  
158 C CG  . PRO A 12 ? 0.1386 0.1557 0.1356 0.0131  0.0115  -0.0119 12  PRO A CG  
159 C CD  . PRO A 12 ? 0.1172 0.1264 0.1118 0.0121  0.0103  -0.0122 12  PRO A CD  
167 N N   . CYS A 13 ? 0.0860 0.0924 0.0841 0.0029  0.0106  -0.0139 13  CYS A N   
168 C CA  . CYS A 13 ? 0.0906 0.0981 0.0920 -0.0006 0.0094  -0.0133 13  CYS A CA  
169 C C   . CYS A 13 ? 0.0857 0.1002 0.0912 -0.0023 0.0085  -0.0106 13  CYS A C   
170 O O   . CYS A 13 ? 0.0811 0.1019 0.0872 -0.0023 0.0094  -0.0082 13  CYS A O   
171 C CB  . CYS A 13 ? 0.1023 0.1077 0.1021 -0.0013 0.0096  -0.0134 13  CYS A CB  
172 S SG  . CYS A 13 ? 0.1027 0.1015 0.0983 -0.0016 0.0095  -0.0153 13  CYS A SG  
177 N N   . PHE A 14 ? 0.0866 0.1009 0.0945 -0.0044 0.0062  -0.0108 14  PHE A N   
178 C CA  . PHE A 14 ? 0.0863 0.1058 0.0980 -0.0083 0.0038  -0.0074 14  PHE A CA  
179 C C   . PHE A 14 ? 0.0752 0.0904 0.0876 -0.0120 0.0012  -0.0056 14  PHE A C   
180 O O   . PHE A 14 ? 0.0777 0.0981 0.0929 -0.0166 -0.0009 -0.0008 14  PHE A O   
181 C CB  . PHE A 14 ? 0.0916 0.1109 0.1044 -0.0097 0.0010  -0.0084 14  PHE A CB  
182 C CG  . PHE A 14 ? 0.0953 0.1211 0.1078 -0.0063 0.0034  -0.0086 14  PHE A CG  
183 C CD1 . PHE A 14 ? 0.1093 0.1468 0.1243 -0.0061 0.0043  -0.0049 14  PHE A CD1 
184 C CD2 . PHE A 14 ? 0.0991 0.1205 0.1086 -0.0028 0.0047  -0.0116 14  PHE A CD2 
185 C CE1 . PHE A 14 ? 0.1328 0.1760 0.1470 -0.0015 0.0062  -0.0051 14  PHE A CE1 
186 C CE2 . PHE A 14 ? 0.1414 0.1672 0.1499 0.0006  0.0062  -0.0110 14  PHE A CE2 
187 C CZ  . PHE A 14 ? 0.1216 0.1573 0.1323 0.0017  0.0069  -0.0082 14  PHE A CZ  
197 N N   . THR A 15 ? 0.0761 0.0837 0.0862 -0.0104 0.0013  -0.0083 15  THR A N   
198 C CA  . THR A 15 ? 0.0785 0.0824 0.0887 -0.0125 -0.0008 -0.0064 15  THR A CA  
199 C C   . THR A 15 ? 0.0768 0.0887 0.0874 -0.0130 0.0019  -0.0027 15  THR A C   
200 O O   . THR A 15 ? 0.0794 0.0900 0.0902 -0.0152 0.0004  0.0000  15  THR A O   
201 C CB  . THR A 15 ? 0.0791 0.0760 0.0871 -0.0094 -0.0013 -0.0101 15  THR A CB  
202 O OG1 . THR A 15 ? 0.0873 0.0869 0.0932 -0.0066 0.0026  -0.0122 15  THR A OG1 
203 C CG2 . THR A 15 ? 0.1021 0.0924 0.1089 -0.0077 -0.0047 -0.0139 15  THR A CG2 
211 N N   . ALA A 16 ? 0.0741 0.0946 0.0841 -0.0106 0.0054  -0.0024 16  ALA A N   
212 C CA  . ALA A 16 ? 0.0745 0.1058 0.0845 -0.0105 0.0072  0.0014  16  ALA A CA  
213 C C   . ALA A 16 ? 0.0773 0.1157 0.0917 -0.0169 0.0043  0.0082  16  ALA A C   
214 O O   . ALA A 16 ? 0.0786 0.1257 0.0931 -0.0184 0.0049  0.0127  16  ALA A O   
215 C CB  . ALA A 16 ? 0.0855 0.1256 0.0938 -0.0051 0.0106  0.0001  16  ALA A CB  
221 N N   . ALA A 17 ? 0.0797 0.1145 0.0970 -0.0215 0.0003  0.0097  17  ALA A N   
222 C CA  . ALA A 17 ? 0.0854 0.1240 0.1064 -0.0297 -0.0044 0.0170  17  ALA A CA  
223 C C   . ALA A 17 ? 0.0911 0.1206 0.1111 -0.0330 -0.0079 0.0198  17  ALA A C   
224 O O   . ALA A 17 ? 0.0967 0.1318 0.1190 -0.0401 -0.0112 0.0278  17  ALA A O   
225 C CB  . ALA A 17 ? 0.0965 0.1277 0.1189 -0.0336 -0.0094 0.0162  17  ALA A CB  
231 N N   . ILE A 18 ? 0.0908 0.1074 0.1071 -0.0285 -0.0076 0.0141  18  ILE A N   
232 C CA  . ILE A 18 ? 0.0961 0.1044 0.1109 -0.0296 -0.0104 0.0159  18  ILE A CA  
233 C C   . ILE A 18 ? 0.0905 0.1038 0.1030 -0.0245 -0.0054 0.0137  18  ILE A C   
234 O O   . ILE A 18 ? 0.0982 0.1043 0.1089 -0.0232 -0.0069 0.0129  18  ILE A O   
235 C CB  . ILE A 18 ? 0.1038 0.0935 0.1164 -0.0284 -0.0161 0.0118  18  ILE A CB  
236 C CG1 . ILE A 18 ? 0.1051 0.0914 0.1155 -0.0214 -0.0132 0.0033  18  ILE A CG1 
237 C CG2 . ILE A 18 ? 0.1182 0.1005 0.1318 -0.0351 -0.0233 0.0153  18  ILE A CG2 
238 C CD1 . ILE A 18 ? 0.1477 0.1200 0.1550 -0.0174 -0.0175 -0.0016 18  ILE A CD1 
250 N N   . GLY A 19 ? 0.0845 0.1095 0.0965 -0.0214 -0.0002 0.0125  19  GLY A N   
251 C CA  . GLY A 19 ? 0.0875 0.1178 0.0961 -0.0177 0.0034  0.0110  19  GLY A CA  
252 C C   . GLY A 19 ? 0.0878 0.1110 0.0927 -0.0125 0.0057  0.0038  19  GLY A C   
253 O O   . GLY A 19 ? 0.1060 0.1312 0.1073 -0.0102 0.0074  0.0022  19  GLY A O   
257 N N   . CYS A 20 ? 0.0776 0.0936 0.0828 -0.0112 0.0053  -0.0002 20  CYS A N   
258 C CA  . CYS A 20 ? 0.0769 0.0878 0.0791 -0.0080 0.0068  -0.0055 20  CYS A CA  
259 C C   . CYS A 20 ? 0.0806 0.0941 0.0797 -0.0048 0.0094  -0.0078 20  CYS A C   
260 O O   . CYS A 20 ? 0.1054 0.1249 0.1055 -0.0038 0.0104  -0.0064 20  CYS A O   
261 C CB  . CYS A 20 ? 0.0792 0.0835 0.0830 -0.0078 0.0049  -0.0080 20  CYS A CB  
262 S SG  . CYS A 20 ? 0.0979 0.0959 0.1033 -0.0091 0.0003  -0.0065 20  CYS A SG  
267 N N   . SER A 21 ? 0.0771 0.0858 0.0719 -0.0031 0.0100  -0.0112 21  SER A N   
268 C CA  A SER A 21 ? 0.0868 0.0930 0.0767 0.0003  0.0109  -0.0139 21  SER A CA  
269 C CA  B SER A 21 ? 0.0870 0.0932 0.0769 0.0003  0.0109  -0.0139 21  SER A CA  
270 C C   . SER A 21 ? 0.0838 0.0816 0.0716 -0.0009 0.0097  -0.0162 21  SER A C   
271 O O   . SER A 21 ? 0.0818 0.0787 0.0712 -0.0038 0.0087  -0.0159 21  SER A O   
272 C CB  A SER A 21 ? 0.1136 0.1217 0.0976 0.0033  0.0115  -0.0153 21  SER A CB  
273 C CB  B SER A 21 ? 0.1138 0.1225 0.0979 0.0036  0.0116  -0.0152 21  SER A CB  
274 O OG  A SER A 21 ? 0.1291 0.1491 0.1151 0.0045  0.0130  -0.0121 21  SER A OG  
275 O OG  B SER A 21 ? 0.1288 0.1319 0.1092 0.0020  0.0102  -0.0170 21  SER A OG  
284 N N   . CYS A 22 ? 0.0868 0.0793 0.0709 0.0013  0.0095  -0.0178 22  CYS A N   
285 C CA  . CYS A 22 ? 0.0899 0.0751 0.0719 -0.0013 0.0077  -0.0183 22  CYS A CA  
286 C C   . CYS A 22 ? 0.0975 0.0761 0.0736 -0.0032 0.0053  -0.0196 22  CYS A C   
287 O O   . CYS A 22 ? 0.1067 0.0797 0.0762 0.0001  0.0043  -0.0222 22  CYS A O   
288 C CB  . CYS A 22 ? 0.0965 0.0766 0.0758 0.0013  0.0072  -0.0187 22  CYS A CB  
289 S SG  . CYS A 22 ? 0.1101 0.0833 0.0877 -0.0034 0.0046  -0.0169 22  CYS A SG  
294 N N   . LYS A 23 ? 0.0957 0.0758 0.0737 -0.0083 0.0040  -0.0182 23  LYS A N   
295 C CA  . LYS A 23 ? 0.1079 0.0825 0.0808 -0.0121 0.0008  -0.0186 23  LYS A CA  
296 C C   . LYS A 23 ? 0.1064 0.0795 0.0798 -0.0179 -0.0015 -0.0158 23  LYS A C   
297 O O   . LYS A 23 ? 0.1130 0.0966 0.0919 -0.0209 -0.0007 -0.0131 23  LYS A O   
298 C CB  . LYS A 23 ? 0.1427 0.1250 0.1182 -0.0135 0.0014  -0.0183 23  LYS A CB  
299 C CG  . LYS A 23 ? 0.1906 0.1754 0.1651 -0.0089 0.0031  -0.0198 23  LYS A CG  
300 C CD  . LYS A 23 ? 0.1924 0.1780 0.1631 -0.0105 0.0013  -0.0206 23  LYS A CD  
301 C CE  . LYS A 23 ? 0.1998 0.1916 0.1700 -0.0065 0.0034  -0.0208 23  LYS A CE  
302 N NZ  . LYS A 23 ? 0.1600 0.1543 0.1272 -0.0083 0.0016  -0.0211 23  LYS A NZ  
316 N N   . SER A 24 ? 0.1177 0.0786 0.0847 -0.0190 -0.0048 -0.0159 24  SER A N   
317 C CA  A SER A 24 ? 0.1324 0.0906 0.0986 -0.0260 -0.0082 -0.0117 24  SER A CA  
318 C CA  B SER A 24 ? 0.1322 0.0910 0.0986 -0.0262 -0.0081 -0.0116 24  SER A CA  
319 C C   . SER A 24 ? 0.1278 0.1008 0.1022 -0.0268 -0.0049 -0.0082 24  SER A C   
320 O O   . SER A 24 ? 0.1433 0.1278 0.1215 -0.0319 -0.0052 -0.0045 24  SER A O   
321 C CB  A SER A 24 ? 0.1663 0.1217 0.1290 -0.0337 -0.0128 -0.0101 24  SER A CB  
322 C CB  B SER A 24 ? 0.1565 0.1160 0.1211 -0.0339 -0.0121 -0.0097 24  SER A CB  
323 O OG  A SER A 24 ? 0.1465 0.0848 0.0994 -0.0314 -0.0167 -0.0145 24  SER A OG  
324 O OG  B SER A 24 ? 0.1504 0.1102 0.1147 -0.0426 -0.0160 -0.0040 24  SER A OG  
334 N N   . LYS A 25 ? 0.1070 0.0804 0.0832 -0.0211 -0.0020 -0.0097 25  LYS A N   
335 C CA  . LYS A 25 ? 0.0994 0.0828 0.0807 -0.0201 0.0003  -0.0077 25  LYS A CA  
336 C C   . LYS A 25 ? 0.0881 0.0845 0.0759 -0.0172 0.0035  -0.0092 25  LYS A C   
337 O O   . LYS A 25 ? 0.0832 0.0873 0.0743 -0.0152 0.0050  -0.0089 25  LYS A O   
338 C CB  . LYS A 25 ? 0.1210 0.1075 0.1019 -0.0264 -0.0021 -0.0023 25  LYS A CB  
339 C CG  . LYS A 25 ? 0.1591 0.1285 0.1325 -0.0288 -0.0064 -0.0006 25  LYS A CG  
340 C CD  . LYS A 25 ? 0.1832 0.1556 0.1560 -0.0366 -0.0096 0.0065  25  LYS A CD  
341 C CE  . LYS A 25 ? 0.2642 0.2162 0.2289 -0.0381 -0.0149 0.0084  25  LYS A CE  
342 N NZ  . LYS A 25 ? 0.3322 0.2661 0.2891 -0.0408 -0.0204 0.0065  25  LYS A NZ  
356 N N   . VAL A 26 ? 0.0855 0.0832 0.0743 -0.0162 0.0040  -0.0111 26  VAL A N   
357 C CA  . VAL A 26 ? 0.0783 0.0841 0.0717 -0.0128 0.0057  -0.0125 26  VAL A CA  
358 C C   . VAL A 26 ? 0.0772 0.0779 0.0705 -0.0098 0.0065  -0.0145 26  VAL A C   
359 O O   . VAL A 26 ? 0.0807 0.0767 0.0708 -0.0104 0.0060  -0.0150 26  VAL A O   
360 C CB  . VAL A 26 ? 0.0774 0.0919 0.0725 -0.0149 0.0049  -0.0111 26  VAL A CB  
361 C CG1 . VAL A 26 ? 0.0763 0.0965 0.0749 -0.0099 0.0058  -0.0130 26  VAL A CG1 
362 C CG2 . VAL A 26 ? 0.0895 0.1136 0.0854 -0.0189 0.0041  -0.0076 26  VAL A CG2 
372 N N   . CYS A 27 ? 0.0734 0.0760 0.0699 -0.0068 0.0072  -0.0155 27  CYS A N   
373 C CA  . CYS A 27 ? 0.0729 0.0735 0.0701 -0.0054 0.0075  -0.0157 27  CYS A CA  
374 C C   . CYS A 27 ? 0.0727 0.0752 0.0710 -0.0055 0.0066  -0.0152 27  CYS A C   
375 O O   . CYS A 27 ? 0.0721 0.0777 0.0723 -0.0041 0.0055  -0.0157 27  CYS A O   
376 C CB  . CYS A 27 ? 0.0775 0.0784 0.0773 -0.0039 0.0072  -0.0160 27  CYS A CB  
377 S SG  . CYS A 27 ? 0.0953 0.0957 0.0941 -0.0032 0.0082  -0.0160 27  CYS A SG  
382 N N   . TYR A 28 ? 0.0742 0.0759 0.0709 -0.0063 0.0068  -0.0144 28  TYR A N   
383 C CA  . TYR A 28 ? 0.0749 0.0788 0.0717 -0.0066 0.0059  -0.0133 28  TYR A CA  
384 C C   . TYR A 28 ? 0.0760 0.0804 0.0730 -0.0066 0.0060  -0.0113 28  TYR A C   
385 O O   . TYR A 28 ? 0.0807 0.0860 0.0762 -0.0063 0.0072  -0.0110 28  TYR A O   
386 C CB  . TYR A 28 ? 0.0902 0.0950 0.0837 -0.0087 0.0055  -0.0138 28  TYR A CB  
387 C CG  . TYR A 28 ? 0.0768 0.0864 0.0714 -0.0103 0.0045  -0.0135 28  TYR A CG  
388 C CD1 . TYR A 28 ? 0.0758 0.0915 0.0727 -0.0091 0.0037  -0.0125 28  TYR A CD1 
389 C CD2 . TYR A 28 ? 0.0783 0.0880 0.0716 -0.0130 0.0042  -0.0133 28  TYR A CD2 
390 C CE1 . TYR A 28 ? 0.0754 0.0997 0.0737 -0.0097 0.0030  -0.0117 28  TYR A CE1 
391 C CE2 . TYR A 28 ? 0.0818 0.1005 0.0768 -0.0153 0.0032  -0.0116 28  TYR A CE2 
392 C CZ  . TYR A 28 ? 0.0759 0.1033 0.0737 -0.0132 0.0029  -0.0109 28  TYR A CZ  
393 O OH  . TYR A 28 ? 0.0916 0.1320 0.0916 -0.0146 0.0022  -0.0088 28  TYR A OH  
403 N N   . LYS A 29 ? 0.0771 0.0827 0.0754 -0.0067 0.0043  -0.0093 29  LYS A N   
404 C CA  . LYS A 29 ? 0.0792 0.0871 0.0773 -0.0077 0.0040  -0.0059 29  LYS A CA  
405 C C   . LYS A 29 ? 0.0809 0.0911 0.0783 -0.0076 0.0027  -0.0045 29  LYS A C   
406 O O   . LYS A 29 ? 0.0823 0.0904 0.0815 -0.0062 0.0004  -0.0041 29  LYS A O   
407 C CB  . LYS A 29 ? 0.0935 0.0989 0.0947 -0.0090 0.0019  -0.0026 29  LYS A CB  
408 C CG  . LYS A 29 ? 0.0954 0.1062 0.0970 -0.0115 0.0014  0.0029  29  LYS A CG  
409 C CD  . LYS A 29 ? 0.1043 0.1114 0.1088 -0.0150 -0.0023 0.0076  29  LYS A CD  
410 C CE  . LYS A 29 ? 0.1155 0.1309 0.1207 -0.0188 -0.0028 0.0147  29  LYS A CE  
411 N NZ  . LYS A 29 ? 0.1269 0.1388 0.1351 -0.0243 -0.0072 0.0205  29  LYS A NZ  
425 N N   . ASN A 30 ? 0.0823 0.0969 0.0762 -0.0083 0.0037  -0.0042 30  ASN A N   
426 C CA  . ASN A 30 ? 0.0845 0.1026 0.0774 -0.0085 0.0024  -0.0024 30  ASN A CA  
427 C C   . ASN A 30 ? 0.0835 0.1021 0.0778 -0.0076 0.0010  -0.0040 30  ASN A C   
428 O O   . ASN A 30 ? 0.0853 0.1061 0.0808 -0.0064 -0.0010 -0.0017 30  ASN A O   
429 C CB  . ASN A 30 ? 0.0971 0.1166 0.0919 -0.0092 0.0007  0.0033  30  ASN A CB  
430 C CG  . ASN A 30 ? 0.0980 0.1221 0.0925 -0.0108 0.0021  0.0063  30  ASN A CG  
431 O OD1 . ASN A 30 ? 0.1131 0.1417 0.1041 -0.0096 0.0048  0.0035  30  ASN A OD1 
432 N ND2 . ASN A 30 ? 0.1266 0.1501 0.1240 -0.0133 0.0000  0.0120  30  ASN A ND2 
439 P P   . PO4 B .  ? 0.1132 0.1315 0.0911 -0.0051 0.0066  -0.0116 101 PO4 A P   
440 O O1  . PO4 B .  ? 0.1503 0.1634 0.1235 -0.0069 0.0042  -0.0149 101 PO4 A O1  
441 O O2  . PO4 B .  ? 0.1483 0.1629 0.1322 -0.0063 0.0067  -0.0102 101 PO4 A O2  
442 O O3  . PO4 B .  ? 0.1912 0.2119 0.1641 -0.0008 0.0083  -0.0135 101 PO4 A O3  
443 O O4  . PO4 B .  ? 0.1396 0.1660 0.1197 -0.0061 0.0064  -0.0066 101 PO4 A O4  
444 O O   . HOH C .  ? 0.1575 0.1669 0.1430 -0.0038 0.0087  -0.0127 201 HOH A O   
445 O O   . HOH C .  ? 0.1681 0.1933 0.1585 -0.0025 0.0111  -0.0060 202 HOH A O   
446 O O   . HOH C .  ? 0.1585 0.1015 0.1147 0.0229  -0.0101 0.0083  203 HOH A O   
447 O O   . HOH C .  ? 0.1477 0.1764 0.1417 -0.0059 -0.0041 0.0051  204 HOH A O   
448 O O   . HOH C .  ? 0.1092 0.1203 0.1046 0.0154  -0.0030 -0.0333 205 HOH A O   
449 O O   . HOH C .  ? 0.1146 0.1290 0.1140 0.0011  0.0069  -0.0178 206 HOH A O   
450 O O   . HOH C .  ? 0.1051 0.1574 0.1062 -0.0202 0.0024  -0.0047 207 HOH A O   
451 O O   . HOH C .  ? 0.1079 0.1181 0.1105 0.0003  0.0063  -0.0169 208 HOH A O   
452 O O   . HOH C .  ? 0.1948 0.2307 0.1888 -0.0092 0.0075  -0.0036 209 HOH A O   
453 O O   . HOH C .  ? 0.1662 0.1288 0.1388 0.0039  0.0021  -0.0119 210 HOH A O   
454 O O   . HOH C .  ? 0.2117 0.2506 0.2069 0.0044  0.0147  -0.0055 211 HOH A O   
455 O O   . HOH C .  ? 0.1758 0.1730 0.1828 -0.0070 -0.0058 -0.0182 212 HOH A O   
456 O O   . HOH C .  ? 0.2511 0.1899 0.2123 -0.0154 -0.0095 -0.0028 213 HOH A O   
457 O O   . HOH C .  ? 0.1412 0.1986 0.1464 -0.0067 0.0123  0.0077  214 HOH A O   
458 O O   . HOH C .  ? 0.2781 0.2339 0.2447 -0.0155 -0.0084 0.0096  215 HOH A O   
459 O O   . HOH C .  ? 0.0777 0.0931 0.0795 0.0014  0.0047  -0.0188 216 HOH A O   
460 O O   . HOH C .  ? 0.2143 0.2086 0.2197 -0.0228 -0.0154 0.0239  217 HOH A O   
461 O O   . HOH C .  ? 0.4071 0.3875 0.4138 -0.0173 -0.0144 0.0069  218 HOH A O   
462 O O   . HOH C .  ? 0.1782 0.1600 0.1415 0.0062  0.0057  -0.0252 219 HOH A O   
463 O O   . HOH C .  ? 0.2465 0.2403 0.2486 -0.0049 -0.0074 0.0007  220 HOH A O   
464 O O   . HOH C .  ? 0.2632 0.2463 0.2622 0.0059  -0.0103 -0.0280 221 HOH A O   
465 O O   . HOH C .  ? 0.3020 0.2254 0.2549 -0.0191 -0.0145 -0.0075 222 HOH A O   
466 O O   . HOH C .  ? 0.3047 0.2294 0.2495 -0.0538 -0.0310 -0.0057 223 HOH A O   
467 O O   . HOH C .  ? 0.3005 0.3069 0.2900 0.0100  0.0124  -0.0154 224 HOH A O   
468 O O   . HOH C .  ? 0.0827 0.1240 0.0792 -0.0162 -0.0011 -0.0076 225 HOH A O   
469 O O   . HOH C .  ? 0.2906 0.1841 0.2307 -0.0362 -0.0302 0.0085  226 HOH A O   
470 O O   . HOH C .  ? 0.3439 0.3442 0.3456 -0.0128 -0.0092 0.0138  227 HOH A O   
471 O O   . HOH C .  ? 0.3965 0.4262 0.3941 0.0101  0.0141  -0.0098 228 HOH A O   
472 O O   . HOH C .  ? 0.1163 0.1408 0.1329 -0.0407 -0.0137 0.0356  229 HOH A O   
473 O O   . HOH C .  ? 0.3963 0.3666 0.3956 0.0071  -0.0155 -0.0155 230 HOH A O   
474 O O   . HOH C .  ? 0.2559 0.2902 0.2446 -0.0097 -0.0009 0.0077  231 HOH A O   
475 O O   . HOH C .  ? 0.4423 0.4464 0.4410 -0.0057 -0.0124 0.0150  232 HOH A O   
# 
